data_6IBR
#
_entry.id   6IBR
#
_cell.length_a   90.380
_cell.length_b   90.380
_cell.length_c   216.250
_cell.angle_alpha   90.00
_cell.angle_beta   90.00
_cell.angle_gamma   120.00
#
_symmetry.space_group_name_H-M   'P 32 2 1'
#
loop_
_entity.id
_entity.type
_entity.pdbx_description
1 polymer 'Alpha-galactosidase A'
2 branched beta-D-mannopyranose-(1-4)-2-acetamido-2-deoxy-beta-D-glucopyranose-(1-4)-2-acetamido-2-deoxy-beta-D-glucopyranose
3 branched 2-acetamido-2-deoxy-beta-D-glucopyranose-(1-4)-2-acetamido-2-deoxy-beta-D-glucopyranose
4 branched alpha-D-mannopyranose-(1-3)-beta-D-mannopyranose-(1-4)-2-acetamido-2-deoxy-beta-D-glucopyranose-(1-4)-2-acetamido-2-deoxy-beta-D-glucopyranose
5 non-polymer 'SULFATE ION'
6 non-polymer 1,2-ETHANEDIOL
7 non-polymer DI(HYDROXYETHYL)ETHER
8 non-polymer 'ACETATE ION'
9 non-polymer (2~{R},3~{S},4~{S},5~{R},6~{S})-5-(hydroxymethyl)-7-oxabicyclo[4.1.0]heptane-2,3,4-triol
10 non-polymer 2-acetamido-2-deoxy-beta-D-glucopyranose
11 water water
#
_entity_poly.entity_id   1
_entity_poly.type   'polypeptide(L)'
_entity_poly.pdbx_seq_one_letter_code
;LDNGLARTPTMGWLHWERFMCNLDCQEEPDSCISEKLFMEMAELMVSEGWKDAGYEYLCIDDCWMAPQRDSEGRLQADPQ
RFPHGIRQLANYVHSKGLKLGIYADVGNKTCAGFPGSFGYYDIDAQTFADWGVDLLKFDGCYCDSLENLADGYKHMSLAL
NRTGRSIVYSCEWPLYMWPFQKPNYTEIRQYCNHWRNFADIDDSWKSIKSILDWTSFNQERIVDVAGPGGWNDPDMLVIG
NFGLSWNQQVTQMALWAIMAAPLFMSNDLRHISPQAKALLQDKDVIAINQDPLGKQGYQLRQGDNFEVWERPLSGLAWAV
AMINRQEIGGPRSYTIAVASLGKGVACNPACFITQLLPVKRKLGFYEWTSRLRSHINPTGTVLLQLENTMQMSLKDLL
;
_entity_poly.pdbx_strand_id   A,B
#
loop_
_chem_comp.id
_chem_comp.type
_chem_comp.name
_chem_comp.formula
ACT non-polymer 'ACETATE ION' 'C2 H3 O2 -1'
BMA D-saccharide, beta linking beta-D-mannopyranose 'C6 H12 O6'
EDO non-polymer 1,2-ETHANEDIOL 'C2 H6 O2'
HBE non-polymer (2~{R},3~{S},4~{S},5~{R},6~{S})-5-(hydroxymethyl)-7-oxabicyclo[4.1.0]heptane-2,3,4-triol 'C7 H12 O5'
MAN D-saccharide, alpha linking alpha-D-mannopyranose 'C6 H12 O6'
NAG D-saccharide, beta linking 2-acetamido-2-deoxy-beta-D-glucopyranose 'C8 H15 N O6'
PEG non-polymer DI(HYDROXYETHYL)ETHER 'C4 H10 O3'
SO4 non-polymer 'SULFATE ION' 'O4 S -2'
#
# COMPACT_ATOMS: atom_id res chain seq x y z
N LEU A 1 -4.80 -24.22 -25.36
CA LEU A 1 -5.48 -25.56 -25.37
C LEU A 1 -6.72 -25.44 -26.23
N ASP A 2 -6.81 -26.22 -27.29
CA ASP A 2 -7.92 -26.13 -28.26
C ASP A 2 -9.09 -26.98 -27.78
N ASN A 3 -9.69 -26.61 -26.64
CA ASN A 3 -10.90 -27.28 -26.11
C ASN A 3 -12.10 -26.35 -26.28
N GLY A 4 -11.95 -25.25 -27.01
CA GLY A 4 -13.03 -24.28 -27.26
C GLY A 4 -13.33 -23.41 -26.06
N LEU A 5 -12.58 -23.52 -24.96
CA LEU A 5 -12.83 -22.67 -23.77
C LEU A 5 -11.78 -21.56 -23.68
N ALA A 6 -12.00 -20.62 -22.76
CA ALA A 6 -11.03 -19.56 -22.44
C ALA A 6 -10.66 -18.86 -23.75
N ARG A 7 -11.66 -18.60 -24.58
CA ARG A 7 -11.48 -17.88 -25.87
C ARG A 7 -11.18 -16.40 -25.58
N THR A 8 -11.67 -15.91 -24.45
CA THR A 8 -11.20 -14.67 -23.77
C THR A 8 -10.70 -15.11 -22.39
N PRO A 9 -9.85 -14.32 -21.71
CA PRO A 9 -9.32 -14.74 -20.42
C PRO A 9 -10.46 -14.96 -19.41
N THR A 10 -10.39 -16.10 -18.70
CA THR A 10 -11.37 -16.60 -17.70
C THR A 10 -11.56 -15.56 -16.61
N MET A 11 -12.81 -15.31 -16.23
CA MET A 11 -13.19 -14.35 -15.17
C MET A 11 -13.98 -15.10 -14.10
N GLY A 12 -13.63 -14.84 -12.83
CA GLY A 12 -14.48 -15.23 -11.70
C GLY A 12 -13.83 -14.92 -10.35
N TRP A 13 -13.99 -15.85 -9.41
CA TRP A 13 -13.64 -15.69 -7.98
C TRP A 13 -12.98 -16.99 -7.48
N LEU A 14 -11.89 -16.83 -6.75
CA LEU A 14 -11.05 -17.94 -6.20
C LEU A 14 -10.76 -17.62 -4.73
N HIS A 15 -10.96 -18.58 -3.82
CA HIS A 15 -10.92 -18.31 -2.35
C HIS A 15 -9.50 -18.00 -1.85
N TRP A 16 -8.43 -18.40 -2.56
CA TRP A 16 -7.13 -18.65 -1.89
C TRP A 16 -6.57 -17.41 -1.17
N GLU A 17 -6.34 -16.30 -1.87
CA GLU A 17 -5.54 -15.19 -1.29
C GLU A 17 -6.23 -14.69 -0.01
N ARG A 18 -7.55 -14.44 -0.04
N ARG A 18 -7.56 -14.48 -0.05
CA ARG A 18 -8.30 -13.87 1.11
CA ARG A 18 -8.34 -13.87 1.06
C ARG A 18 -8.58 -14.95 2.16
C ARG A 18 -8.70 -14.90 2.14
N PHE A 19 -9.03 -16.14 1.78
CA PHE A 19 -9.53 -17.16 2.75
C PHE A 19 -8.51 -18.27 3.02
N MET A 20 -7.55 -18.52 2.14
CA MET A 20 -6.36 -19.38 2.41
C MET A 20 -6.85 -20.78 2.84
N CYS A 21 -6.20 -21.37 3.85
CA CYS A 21 -6.48 -22.76 4.33
C CYS A 21 -7.10 -22.70 5.72
N ASN A 22 -8.13 -21.86 5.90
CA ASN A 22 -8.86 -21.71 7.19
C ASN A 22 -9.79 -22.91 7.44
N LEU A 23 -9.37 -23.86 8.27
CA LEU A 23 -10.17 -25.08 8.61
C LEU A 23 -10.95 -24.90 9.91
N ASP A 24 -10.89 -23.72 10.56
CA ASP A 24 -11.50 -23.49 11.90
C ASP A 24 -12.97 -23.07 11.80
N CYS A 25 -13.90 -23.97 11.51
CA CYS A 25 -15.34 -23.61 11.36
C CYS A 25 -15.99 -23.41 12.75
N GLN A 26 -15.47 -24.07 13.80
CA GLN A 26 -15.92 -23.87 15.20
C GLN A 26 -15.73 -22.39 15.57
N GLU A 27 -14.48 -21.90 15.63
CA GLU A 27 -14.16 -20.51 16.08
C GLU A 27 -14.39 -19.48 14.95
N GLU A 28 -14.42 -19.87 13.66
CA GLU A 28 -14.61 -18.90 12.54
C GLU A 28 -15.49 -19.49 11.44
N PRO A 29 -16.79 -19.71 11.69
CA PRO A 29 -17.69 -20.28 10.68
C PRO A 29 -17.88 -19.43 9.41
N ASP A 30 -17.71 -18.11 9.51
N ASP A 30 -17.79 -18.10 9.61
CA ASP A 30 -17.97 -17.14 8.41
CA ASP A 30 -17.84 -17.03 8.58
C ASP A 30 -16.73 -16.91 7.52
C ASP A 30 -16.87 -17.33 7.43
N SER A 31 -15.60 -17.58 7.75
CA SER A 31 -14.44 -17.46 6.83
C SER A 31 -13.64 -18.77 6.67
N CYS A 32 -14.15 -19.90 7.17
CA CYS A 32 -13.48 -21.22 7.04
C CYS A 32 -13.78 -21.74 5.63
N ILE A 33 -13.03 -22.72 5.14
CA ILE A 33 -13.24 -23.27 3.77
C ILE A 33 -14.36 -24.31 3.86
N SER A 34 -15.56 -23.89 3.47
CA SER A 34 -16.82 -24.63 3.66
C SER A 34 -17.74 -24.35 2.48
N GLU A 35 -18.70 -25.23 2.23
CA GLU A 35 -19.70 -25.05 1.15
C GLU A 35 -20.55 -23.81 1.45
N LYS A 36 -20.68 -23.38 2.71
CA LYS A 36 -21.46 -22.15 3.03
C LYS A 36 -20.72 -20.92 2.48
N LEU A 37 -19.40 -20.86 2.62
CA LEU A 37 -18.63 -19.74 2.06
C LEU A 37 -18.94 -19.62 0.56
N PHE A 38 -18.91 -20.75 -0.17
CA PHE A 38 -19.01 -20.77 -1.66
C PHE A 38 -20.43 -20.42 -2.07
N MET A 39 -21.42 -20.91 -1.32
CA MET A 39 -22.85 -20.56 -1.54
C MET A 39 -23.04 -19.06 -1.36
N GLU A 40 -22.45 -18.46 -0.33
CA GLU A 40 -22.58 -17.01 -0.04
C GLU A 40 -22.02 -16.21 -1.24
N MET A 41 -20.83 -16.59 -1.69
CA MET A 41 -20.13 -15.90 -2.79
C MET A 41 -20.94 -16.05 -4.08
N ALA A 42 -21.53 -17.22 -4.32
CA ALA A 42 -22.43 -17.49 -5.49
C ALA A 42 -23.61 -16.52 -5.49
N GLU A 43 -24.33 -16.42 -4.37
CA GLU A 43 -25.55 -15.57 -4.26
C GLU A 43 -25.14 -14.13 -4.57
N LEU A 44 -24.03 -13.68 -4.02
CA LEU A 44 -23.58 -12.28 -4.21
C LEU A 44 -23.07 -12.07 -5.64
N MET A 45 -22.42 -13.07 -6.25
CA MET A 45 -21.99 -12.94 -7.66
C MET A 45 -23.18 -12.60 -8.55
N VAL A 46 -24.33 -13.20 -8.24
CA VAL A 46 -25.61 -12.94 -8.95
C VAL A 46 -26.19 -11.59 -8.50
N SER A 47 -26.39 -11.39 -7.21
CA SER A 47 -27.23 -10.30 -6.67
C SER A 47 -26.51 -8.96 -6.76
N GLU A 48 -25.18 -8.96 -6.80
CA GLU A 48 -24.35 -7.73 -6.73
C GLU A 48 -23.72 -7.37 -8.09
N GLY A 49 -24.09 -8.03 -9.20
CA GLY A 49 -23.71 -7.58 -10.56
C GLY A 49 -22.43 -8.20 -11.08
N TRP A 50 -21.81 -9.13 -10.34
CA TRP A 50 -20.52 -9.76 -10.73
C TRP A 50 -20.68 -10.58 -12.01
N LYS A 51 -21.70 -11.44 -12.05
CA LYS A 51 -22.03 -12.29 -13.21
C LYS A 51 -22.28 -11.40 -14.42
N ASP A 52 -23.16 -10.40 -14.28
CA ASP A 52 -23.47 -9.45 -15.39
C ASP A 52 -22.19 -8.82 -15.93
N ALA A 53 -21.16 -8.61 -15.12
CA ALA A 53 -19.90 -7.95 -15.56
C ALA A 53 -18.98 -8.98 -16.22
N GLY A 54 -19.24 -10.29 -16.04
CA GLY A 54 -18.50 -11.38 -16.72
C GLY A 54 -17.81 -12.34 -15.76
N TYR A 55 -17.88 -12.10 -14.45
CA TYR A 55 -17.33 -13.01 -13.41
C TYR A 55 -18.25 -14.23 -13.34
N GLU A 56 -17.76 -15.37 -13.83
CA GLU A 56 -18.59 -16.54 -14.18
C GLU A 56 -18.08 -17.79 -13.44
N TYR A 57 -16.79 -17.90 -13.14
CA TYR A 57 -16.27 -19.12 -12.48
C TYR A 57 -16.07 -18.82 -10.99
N LEU A 58 -16.85 -19.50 -10.17
CA LEU A 58 -16.70 -19.54 -8.70
C LEU A 58 -15.80 -20.73 -8.35
N CYS A 59 -14.60 -20.48 -7.83
CA CYS A 59 -13.52 -21.50 -7.81
C CYS A 59 -13.07 -21.81 -6.40
N ILE A 60 -12.99 -23.11 -6.12
CA ILE A 60 -12.43 -23.68 -4.87
C ILE A 60 -10.94 -23.88 -5.11
N ASP A 61 -10.12 -23.45 -4.16
CA ASP A 61 -8.64 -23.63 -4.19
C ASP A 61 -8.33 -24.75 -3.19
N ASP A 62 -7.11 -24.80 -2.68
CA ASP A 62 -6.64 -25.90 -1.79
C ASP A 62 -7.52 -25.93 -0.53
N CYS A 63 -7.50 -27.06 0.17
CA CYS A 63 -8.10 -27.32 1.52
C CYS A 63 -9.62 -27.55 1.45
N TRP A 64 -10.14 -28.14 0.36
CA TRP A 64 -11.55 -28.63 0.27
C TRP A 64 -11.64 -30.15 0.53
N MET A 65 -10.52 -30.88 0.46
CA MET A 65 -10.47 -32.37 0.46
C MET A 65 -10.53 -32.93 1.89
N ALA A 66 -11.19 -34.08 2.09
CA ALA A 66 -10.91 -34.99 3.21
C ALA A 66 -9.42 -35.37 3.23
N PRO A 67 -8.85 -35.72 4.40
CA PRO A 67 -7.43 -36.07 4.52
C PRO A 67 -6.97 -37.33 3.77
N GLN A 68 -7.92 -38.23 3.45
CA GLN A 68 -7.72 -39.57 2.84
C GLN A 68 -8.67 -39.70 1.64
N ARG A 69 -8.24 -40.42 0.60
CA ARG A 69 -9.15 -40.86 -0.51
C ARG A 69 -10.21 -41.82 0.06
N ASP A 70 -11.21 -42.20 -0.73
CA ASP A 70 -12.25 -43.15 -0.27
C ASP A 70 -11.73 -44.59 -0.50
N SER A 71 -12.55 -45.60 -0.24
CA SER A 71 -12.20 -47.03 -0.40
C SER A 71 -12.05 -47.38 -1.88
N GLU A 72 -12.68 -46.60 -2.77
CA GLU A 72 -12.62 -46.77 -4.24
C GLU A 72 -11.51 -45.90 -4.84
N GLY A 73 -10.61 -45.33 -4.00
CA GLY A 73 -9.39 -44.60 -4.44
C GLY A 73 -9.66 -43.18 -4.93
N ARG A 74 -10.85 -42.64 -4.67
CA ARG A 74 -11.29 -41.32 -5.18
C ARG A 74 -11.05 -40.24 -4.13
N LEU A 75 -10.89 -39.00 -4.60
CA LEU A 75 -10.88 -37.76 -3.78
C LEU A 75 -12.28 -37.59 -3.19
N GLN A 76 -12.33 -37.11 -1.95
CA GLN A 76 -13.60 -36.75 -1.27
C GLN A 76 -13.44 -35.33 -0.72
N ALA A 77 -14.54 -34.58 -0.80
CA ALA A 77 -14.81 -33.34 -0.05
C ALA A 77 -14.79 -33.68 1.44
N ASP A 78 -14.22 -32.80 2.26
CA ASP A 78 -14.28 -32.89 3.73
C ASP A 78 -15.75 -33.08 4.13
N PRO A 79 -16.06 -34.16 4.87
CA PRO A 79 -17.46 -34.50 5.18
C PRO A 79 -18.16 -33.44 6.07
N GLN A 80 -17.43 -32.75 6.96
CA GLN A 80 -17.98 -31.69 7.85
C GLN A 80 -18.15 -30.36 7.08
N ARG A 81 -17.13 -29.93 6.33
CA ARG A 81 -17.08 -28.58 5.70
C ARG A 81 -17.81 -28.59 4.36
N PHE A 82 -17.84 -29.74 3.66
CA PHE A 82 -18.58 -29.91 2.38
C PHE A 82 -19.55 -31.08 2.52
N PRO A 83 -20.52 -31.00 3.47
CA PRO A 83 -21.37 -32.15 3.80
C PRO A 83 -22.27 -32.66 2.67
N HIS A 84 -22.76 -31.79 1.78
CA HIS A 84 -23.62 -32.16 0.63
C HIS A 84 -22.75 -32.61 -0.56
N GLY A 85 -21.44 -32.37 -0.48
CA GLY A 85 -20.45 -32.85 -1.47
C GLY A 85 -20.35 -31.93 -2.68
N ILE A 86 -19.33 -32.12 -3.51
CA ILE A 86 -19.00 -31.19 -4.62
C ILE A 86 -20.10 -31.26 -5.69
N ARG A 87 -20.59 -32.43 -6.08
CA ARG A 87 -21.59 -32.53 -7.19
C ARG A 87 -22.76 -31.61 -6.86
N GLN A 88 -23.24 -31.65 -5.63
CA GLN A 88 -24.41 -30.89 -5.13
C GLN A 88 -24.08 -29.39 -5.10
N LEU A 89 -22.85 -29.05 -4.70
CA LEU A 89 -22.38 -27.64 -4.76
C LEU A 89 -22.37 -27.18 -6.22
N ALA A 90 -21.87 -28.03 -7.13
CA ALA A 90 -21.86 -27.75 -8.57
C ALA A 90 -23.31 -27.53 -9.03
N ASN A 91 -24.24 -28.36 -8.56
CA ASN A 91 -25.67 -28.25 -8.95
C ASN A 91 -26.16 -26.85 -8.56
N TYR A 92 -25.89 -26.43 -7.34
CA TYR A 92 -26.30 -25.11 -6.79
C TYR A 92 -25.69 -23.98 -7.64
N VAL A 93 -24.39 -24.07 -7.90
CA VAL A 93 -23.66 -22.99 -8.62
C VAL A 93 -24.27 -22.88 -10.02
N HIS A 94 -24.50 -24.02 -10.67
CA HIS A 94 -25.13 -24.09 -12.03
C HIS A 94 -26.53 -23.47 -12.02
N SER A 95 -27.30 -23.61 -10.92
CA SER A 95 -28.71 -23.13 -10.82
C SER A 95 -28.71 -21.60 -10.86
N LYS A 96 -27.59 -20.96 -10.52
CA LYS A 96 -27.42 -19.49 -10.56
C LYS A 96 -26.77 -19.03 -11.88
N GLY A 97 -26.54 -19.96 -12.81
CA GLY A 97 -25.94 -19.67 -14.12
C GLY A 97 -24.44 -19.41 -14.04
N LEU A 98 -23.77 -19.97 -13.05
CA LEU A 98 -22.30 -19.81 -12.84
C LEU A 98 -21.64 -21.16 -13.10
N LYS A 99 -20.30 -21.17 -13.13
CA LYS A 99 -19.47 -22.38 -13.30
C LYS A 99 -18.66 -22.58 -12.02
N LEU A 100 -18.36 -23.84 -11.72
CA LEU A 100 -17.58 -24.22 -10.52
C LEU A 100 -16.15 -24.59 -10.95
N GLY A 101 -15.16 -24.02 -10.26
CA GLY A 101 -13.76 -24.46 -10.35
C GLY A 101 -13.42 -25.31 -9.14
N ILE A 102 -12.50 -26.27 -9.30
CA ILE A 102 -11.94 -27.01 -8.14
C ILE A 102 -10.43 -27.08 -8.30
N TYR A 103 -9.72 -27.61 -7.30
CA TYR A 103 -8.25 -27.61 -7.21
C TYR A 103 -7.77 -29.05 -6.96
N ALA A 104 -6.63 -29.41 -7.57
CA ALA A 104 -5.83 -30.63 -7.30
C ALA A 104 -4.35 -30.27 -7.50
N ASP A 105 -3.46 -31.23 -7.28
CA ASP A 105 -1.99 -31.04 -7.37
C ASP A 105 -1.41 -32.21 -8.19
N VAL A 106 -0.50 -31.90 -9.11
CA VAL A 106 0.13 -32.87 -10.07
C VAL A 106 0.98 -33.90 -9.29
N GLY A 107 1.45 -33.57 -8.08
CA GLY A 107 2.35 -34.40 -7.26
C GLY A 107 1.61 -35.31 -6.28
N ASN A 108 2.30 -35.67 -5.20
CA ASN A 108 1.88 -36.73 -4.24
C ASN A 108 0.96 -36.14 -3.18
N LYS A 109 1.13 -34.86 -2.87
CA LYS A 109 0.22 -34.07 -1.99
C LYS A 109 -0.09 -32.72 -2.64
N THR A 110 -1.12 -32.03 -2.15
CA THR A 110 -1.37 -30.60 -2.45
C THR A 110 -0.35 -29.78 -1.66
N CYS A 111 -0.20 -28.50 -1.98
CA CYS A 111 0.79 -27.65 -1.27
C CYS A 111 0.46 -27.62 0.23
N ALA A 112 -0.82 -27.71 0.62
CA ALA A 112 -1.25 -27.61 2.03
C ALA A 112 -1.28 -29.00 2.69
N GLY A 113 -0.97 -30.08 1.97
CA GLY A 113 -0.67 -31.41 2.55
C GLY A 113 -1.79 -32.43 2.36
N PHE A 114 -2.83 -32.14 1.58
CA PHE A 114 -3.96 -33.06 1.30
C PHE A 114 -3.59 -33.98 0.14
N PRO A 115 -4.43 -34.99 -0.19
CA PRO A 115 -4.13 -35.93 -1.27
C PRO A 115 -3.73 -35.32 -2.62
N GLY A 116 -2.56 -35.71 -3.13
CA GLY A 116 -2.09 -35.39 -4.48
C GLY A 116 -2.68 -36.33 -5.51
N SER A 117 -2.54 -35.99 -6.79
CA SER A 117 -3.20 -36.70 -7.91
C SER A 117 -2.22 -37.63 -8.64
N PHE A 118 -0.92 -37.52 -8.41
CA PHE A 118 0.08 -38.45 -8.99
C PHE A 118 -0.42 -39.90 -8.81
N GLY A 119 -0.50 -40.65 -9.91
CA GLY A 119 -1.00 -42.05 -9.91
C GLY A 119 -2.52 -42.13 -10.01
N TYR A 120 -3.24 -41.02 -9.88
CA TYR A 120 -4.73 -40.99 -9.89
C TYR A 120 -5.26 -40.03 -10.95
N TYR A 121 -4.42 -39.61 -11.92
CA TYR A 121 -4.80 -38.58 -12.92
C TYR A 121 -6.12 -38.92 -13.60
N ASP A 122 -6.31 -40.16 -14.08
CA ASP A 122 -7.49 -40.56 -14.91
C ASP A 122 -8.75 -40.62 -14.03
N ILE A 123 -8.68 -41.27 -12.88
CA ILE A 123 -9.84 -41.36 -11.95
C ILE A 123 -10.18 -39.94 -11.47
N ASP A 124 -9.17 -39.15 -11.10
CA ASP A 124 -9.37 -37.77 -10.56
C ASP A 124 -10.11 -36.96 -11.62
N ALA A 125 -9.66 -37.06 -12.87
CA ALA A 125 -10.30 -36.35 -13.99
C ALA A 125 -11.76 -36.78 -14.10
N GLN A 126 -12.03 -38.08 -14.00
CA GLN A 126 -13.40 -38.65 -14.20
C GLN A 126 -14.27 -38.21 -13.02
N THR A 127 -13.73 -38.31 -11.80
CA THR A 127 -14.39 -37.83 -10.56
C THR A 127 -14.86 -36.39 -10.81
N PHE A 128 -13.95 -35.48 -11.18
CA PHE A 128 -14.27 -34.04 -11.38
C PHE A 128 -15.37 -33.89 -12.43
N ALA A 129 -15.29 -34.65 -13.52
CA ALA A 129 -16.24 -34.58 -14.65
C ALA A 129 -17.64 -35.00 -14.18
N ASP A 130 -17.70 -36.11 -13.44
CA ASP A 130 -18.94 -36.69 -12.86
C ASP A 130 -19.60 -35.66 -11.95
N TRP A 131 -18.80 -34.94 -11.14
CA TRP A 131 -19.25 -33.91 -10.16
C TRP A 131 -19.83 -32.66 -10.84
N GLY A 132 -19.57 -32.45 -12.13
CA GLY A 132 -20.06 -31.25 -12.86
C GLY A 132 -19.10 -30.07 -12.73
N VAL A 133 -17.83 -30.32 -12.43
CA VAL A 133 -16.74 -29.30 -12.33
C VAL A 133 -16.51 -28.67 -13.70
N ASP A 134 -16.41 -27.34 -13.77
CA ASP A 134 -16.31 -26.59 -15.04
C ASP A 134 -14.87 -26.08 -15.22
N LEU A 135 -14.00 -26.25 -14.22
CA LEU A 135 -12.60 -25.71 -14.26
C LEU A 135 -11.75 -26.47 -13.25
N LEU A 136 -10.49 -26.75 -13.60
CA LEU A 136 -9.51 -27.34 -12.65
C LEU A 136 -8.28 -26.44 -12.61
N LYS A 137 -7.89 -26.03 -11.40
CA LYS A 137 -6.56 -25.42 -11.13
C LYS A 137 -5.69 -26.53 -10.56
N PHE A 138 -4.51 -26.71 -11.13
CA PHE A 138 -3.65 -27.89 -10.91
C PHE A 138 -2.28 -27.41 -10.43
N ASP A 139 -2.07 -27.43 -9.12
CA ASP A 139 -0.84 -26.89 -8.48
C ASP A 139 0.29 -27.91 -8.62
N GLY A 140 1.55 -27.50 -8.38
CA GLY A 140 2.76 -28.26 -8.74
C GLY A 140 3.59 -28.75 -7.56
N CYS A 141 3.06 -28.75 -6.33
CA CYS A 141 3.85 -29.12 -5.11
C CYS A 141 4.07 -30.64 -5.05
N TYR A 142 5.13 -31.06 -4.35
CA TYR A 142 5.46 -32.47 -4.04
C TYR A 142 5.52 -33.28 -5.34
N CYS A 143 6.36 -32.81 -6.25
CA CYS A 143 6.72 -33.44 -7.53
C CYS A 143 8.24 -33.60 -7.58
N ASP A 144 8.75 -34.84 -7.59
CA ASP A 144 10.18 -35.13 -7.38
C ASP A 144 11.00 -34.87 -8.65
N SER A 145 10.41 -34.73 -9.83
CA SER A 145 11.18 -34.56 -11.10
C SER A 145 10.45 -33.76 -12.18
N LEU A 146 11.21 -33.14 -13.08
CA LEU A 146 10.71 -32.39 -14.27
C LEU A 146 9.98 -33.35 -15.21
N GLU A 147 10.48 -34.59 -15.36
CA GLU A 147 9.79 -35.67 -16.12
C GLU A 147 8.39 -35.83 -15.54
N ASN A 148 8.27 -36.06 -14.23
CA ASN A 148 6.96 -36.32 -13.57
C ASN A 148 6.05 -35.08 -13.71
N LEU A 149 6.63 -33.88 -13.63
CA LEU A 149 5.90 -32.59 -13.73
C LEU A 149 5.25 -32.49 -15.12
N ALA A 150 6.06 -32.54 -16.17
CA ALA A 150 5.60 -32.51 -17.58
C ALA A 150 4.61 -33.65 -17.80
N ASP A 151 5.00 -34.89 -17.50
CA ASP A 151 4.12 -36.06 -17.75
C ASP A 151 2.78 -35.83 -17.06
N GLY A 152 2.79 -35.35 -15.81
CA GLY A 152 1.59 -35.16 -14.99
C GLY A 152 0.65 -34.12 -15.59
N TYR A 153 1.17 -32.92 -15.94
CA TYR A 153 0.36 -31.84 -16.56
C TYR A 153 -0.24 -32.31 -17.90
N LYS A 154 0.55 -33.01 -18.73
CA LYS A 154 0.08 -33.51 -20.06
C LYS A 154 -0.99 -34.58 -19.83
N HIS A 155 -0.72 -35.51 -18.92
CA HIS A 155 -1.59 -36.69 -18.64
C HIS A 155 -2.94 -36.17 -18.14
N MET A 156 -2.95 -35.28 -17.16
CA MET A 156 -4.22 -34.69 -16.65
C MET A 156 -4.94 -34.00 -17.81
N SER A 157 -4.21 -33.29 -18.68
CA SER A 157 -4.78 -32.54 -19.83
C SER A 157 -5.57 -33.54 -20.68
N LEU A 158 -4.95 -34.68 -20.98
CA LEU A 158 -5.55 -35.68 -21.90
C LEU A 158 -6.71 -36.37 -21.16
N ALA A 159 -6.56 -36.63 -19.86
CA ALA A 159 -7.62 -37.27 -19.05
C ALA A 159 -8.85 -36.37 -18.96
N LEU A 160 -8.66 -35.06 -18.80
CA LEU A 160 -9.81 -34.10 -18.76
C LEU A 160 -10.56 -34.18 -20.09
N ASN A 161 -9.82 -34.04 -21.19
CA ASN A 161 -10.37 -34.13 -22.56
C ASN A 161 -11.22 -35.40 -22.71
N ARG A 162 -10.72 -36.54 -22.20
CA ARG A 162 -11.31 -37.89 -22.43
C ARG A 162 -12.60 -38.06 -21.62
N THR A 163 -12.85 -37.24 -20.60
CA THR A 163 -14.11 -37.28 -19.82
C THR A 163 -15.28 -36.86 -20.71
N GLY A 164 -15.03 -36.08 -21.77
CA GLY A 164 -16.10 -35.50 -22.59
C GLY A 164 -16.62 -34.17 -22.07
N ARG A 165 -16.28 -33.75 -20.84
CA ARG A 165 -16.85 -32.51 -20.25
C ARG A 165 -15.92 -31.32 -20.57
N SER A 166 -16.47 -30.20 -21.06
CA SER A 166 -15.82 -28.88 -21.13
C SER A 166 -15.31 -28.44 -19.74
N ILE A 167 -14.00 -28.52 -19.48
CA ILE A 167 -13.36 -28.20 -18.18
C ILE A 167 -12.14 -27.29 -18.45
N VAL A 168 -12.20 -26.01 -18.08
CA VAL A 168 -11.06 -25.06 -18.19
C VAL A 168 -9.90 -25.65 -17.38
N TYR A 169 -8.69 -25.70 -17.95
CA TYR A 169 -7.52 -26.36 -17.32
C TYR A 169 -6.46 -25.29 -17.03
N SER A 170 -6.35 -24.92 -15.76
CA SER A 170 -5.44 -23.89 -15.23
C SER A 170 -4.22 -24.62 -14.68
N CYS A 171 -3.03 -24.40 -15.24
CA CYS A 171 -1.78 -25.15 -14.94
C CYS A 171 -0.80 -24.27 -14.16
N GLU A 172 0.15 -24.89 -13.46
CA GLU A 172 1.26 -24.15 -12.82
C GLU A 172 2.60 -24.76 -13.27
N TRP A 173 2.59 -25.37 -14.46
CA TRP A 173 3.70 -26.13 -15.06
C TRP A 173 4.93 -25.21 -15.17
N PRO A 174 4.82 -24.01 -15.76
CA PRO A 174 5.99 -23.16 -15.93
C PRO A 174 6.59 -22.69 -14.60
N LEU A 175 5.74 -22.21 -13.69
CA LEU A 175 6.15 -21.78 -12.33
C LEU A 175 7.07 -22.84 -11.70
N TYR A 176 6.68 -24.12 -11.71
CA TYR A 176 7.38 -25.20 -10.96
C TYR A 176 8.60 -25.73 -11.73
N MET A 177 8.68 -25.43 -13.01
CA MET A 177 9.77 -25.82 -13.92
C MET A 177 10.89 -24.76 -13.85
N TRP A 178 10.51 -23.49 -13.94
CA TRP A 178 11.38 -22.29 -14.12
C TRP A 178 12.66 -22.37 -13.28
N PRO A 179 12.61 -22.73 -11.97
CA PRO A 179 13.84 -22.79 -11.18
C PRO A 179 14.92 -23.66 -11.86
N PHE A 180 14.54 -24.67 -12.67
CA PHE A 180 15.41 -25.79 -13.10
C PHE A 180 15.72 -25.73 -14.59
N GLN A 181 14.76 -25.35 -15.43
CA GLN A 181 15.00 -25.18 -16.88
C GLN A 181 13.90 -24.32 -17.52
N LYS A 182 14.28 -23.52 -18.51
CA LYS A 182 13.40 -22.59 -19.26
C LYS A 182 12.22 -23.38 -19.80
N PRO A 183 10.96 -23.06 -19.44
CA PRO A 183 9.81 -23.79 -19.97
C PRO A 183 9.64 -23.57 -21.48
N ASN A 184 9.05 -24.55 -22.16
CA ASN A 184 8.64 -24.43 -23.58
C ASN A 184 7.14 -24.06 -23.62
N TYR A 185 6.85 -22.79 -23.86
CA TYR A 185 5.50 -22.20 -23.73
C TYR A 185 4.61 -22.71 -24.85
N THR A 186 5.16 -22.96 -26.04
CA THR A 186 4.45 -23.61 -27.17
C THR A 186 3.86 -24.95 -26.69
N GLU A 187 4.64 -25.77 -25.99
CA GLU A 187 4.17 -27.09 -25.47
C GLU A 187 3.12 -26.84 -24.39
N ILE A 188 3.43 -25.99 -23.41
CA ILE A 188 2.52 -25.70 -22.27
C ILE A 188 1.13 -25.34 -22.83
N ARG A 189 1.08 -24.47 -23.83
CA ARG A 189 -0.18 -23.95 -24.43
C ARG A 189 -0.99 -25.08 -25.07
N GLN A 190 -0.33 -26.04 -25.71
CA GLN A 190 -1.01 -27.19 -26.34
C GLN A 190 -1.80 -27.93 -25.26
N TYR A 191 -1.34 -27.91 -24.01
CA TYR A 191 -1.99 -28.71 -22.92
C TYR A 191 -2.83 -27.87 -21.95
N CYS A 192 -2.77 -26.53 -21.94
CA CYS A 192 -3.23 -25.67 -20.81
C CYS A 192 -4.02 -24.45 -21.32
N ASN A 193 -5.16 -24.13 -20.68
CA ASN A 193 -5.97 -22.92 -21.02
C ASN A 193 -5.33 -21.66 -20.42
N HIS A 194 -4.67 -21.79 -19.28
CA HIS A 194 -3.79 -20.72 -18.73
C HIS A 194 -2.76 -21.34 -17.80
N TRP A 195 -1.70 -20.60 -17.53
CA TRP A 195 -0.52 -21.17 -16.84
C TRP A 195 0.10 -20.11 -15.93
N ARG A 196 0.29 -20.49 -14.66
CA ARG A 196 0.94 -19.63 -13.65
C ARG A 196 2.44 -19.58 -13.99
N ASN A 197 2.97 -18.36 -14.09
CA ASN A 197 4.38 -18.09 -14.42
C ASN A 197 5.21 -17.83 -13.16
N PHE A 198 4.61 -17.30 -12.09
CA PHE A 198 5.33 -16.59 -11.01
C PHE A 198 4.71 -16.90 -9.64
N ALA A 199 5.49 -16.59 -8.60
CA ALA A 199 5.22 -16.84 -7.16
C ALA A 199 3.82 -16.31 -6.80
N ASP A 200 3.16 -17.01 -5.89
CA ASP A 200 1.82 -16.65 -5.33
C ASP A 200 1.78 -15.16 -5.00
N ILE A 201 0.74 -14.49 -5.46
CA ILE A 201 0.47 -13.08 -5.11
C ILE A 201 0.11 -13.03 -3.62
N ASP A 202 0.40 -11.91 -2.96
CA ASP A 202 -0.19 -11.58 -1.64
C ASP A 202 -0.76 -10.15 -1.68
N ASP A 203 -1.24 -9.67 -0.54
CA ASP A 203 -2.01 -8.41 -0.40
C ASP A 203 -1.01 -7.27 -0.20
N SER A 204 -0.14 -7.04 -1.19
CA SER A 204 0.91 -6.00 -1.11
C SER A 204 1.23 -5.40 -2.50
N TRP A 205 1.61 -4.13 -2.49
CA TRP A 205 2.20 -3.44 -3.65
C TRP A 205 3.54 -4.09 -4.06
N LYS A 206 4.32 -4.60 -3.11
CA LYS A 206 5.59 -5.31 -3.42
C LYS A 206 5.33 -6.48 -4.38
N SER A 207 4.28 -7.25 -4.11
CA SER A 207 3.84 -8.42 -4.90
C SER A 207 3.44 -7.96 -6.31
N ILE A 208 2.54 -6.98 -6.42
CA ILE A 208 2.14 -6.40 -7.72
C ILE A 208 3.40 -6.08 -8.53
N LYS A 209 4.26 -5.18 -8.03
CA LYS A 209 5.47 -4.70 -8.74
C LYS A 209 6.32 -5.88 -9.20
N SER A 210 6.47 -6.88 -8.33
CA SER A 210 7.39 -8.00 -8.61
C SER A 210 6.79 -8.84 -9.77
N ILE A 211 5.46 -9.01 -9.79
CA ILE A 211 4.75 -9.73 -10.89
C ILE A 211 4.91 -8.95 -12.20
N LEU A 212 4.72 -7.63 -12.18
CA LEU A 212 4.89 -6.78 -13.38
C LEU A 212 6.34 -6.85 -13.85
N ASP A 213 7.29 -6.78 -12.92
CA ASP A 213 8.74 -6.76 -13.26
C ASP A 213 9.12 -8.07 -13.88
N TRP A 214 8.58 -9.17 -13.36
CA TRP A 214 8.90 -10.51 -13.91
C TRP A 214 8.38 -10.60 -15.34
N THR A 215 7.13 -10.15 -15.55
CA THR A 215 6.40 -10.21 -16.84
C THR A 215 7.16 -9.35 -17.86
N SER A 216 7.55 -8.12 -17.53
CA SER A 216 8.27 -7.22 -18.49
C SER A 216 9.65 -7.82 -18.82
N PHE A 217 10.29 -8.48 -17.87
CA PHE A 217 11.64 -9.07 -18.05
C PHE A 217 11.56 -10.26 -19.00
N ASN A 218 10.48 -11.03 -18.94
CA ASN A 218 10.31 -12.30 -19.67
C ASN A 218 9.40 -12.12 -20.89
N GLN A 219 9.12 -10.89 -21.32
CA GLN A 219 8.02 -10.64 -22.27
C GLN A 219 8.36 -11.26 -23.65
N GLU A 220 9.64 -11.27 -24.03
CA GLU A 220 10.12 -11.87 -25.31
C GLU A 220 9.66 -13.34 -25.38
N ARG A 221 9.55 -14.02 -24.25
CA ARG A 221 9.29 -15.48 -24.25
C ARG A 221 7.79 -15.74 -24.14
N ILE A 222 6.99 -14.83 -23.57
CA ILE A 222 5.62 -15.24 -23.11
C ILE A 222 4.52 -14.48 -23.88
N VAL A 223 4.77 -13.30 -24.44
CA VAL A 223 3.68 -12.42 -24.96
C VAL A 223 3.01 -13.06 -26.18
N ASP A 224 3.79 -13.55 -27.14
CA ASP A 224 3.27 -13.97 -28.47
C ASP A 224 2.53 -15.31 -28.35
N VAL A 225 2.85 -16.15 -27.37
CA VAL A 225 2.20 -17.49 -27.24
C VAL A 225 0.79 -17.33 -26.66
N ALA A 226 0.49 -16.20 -26.02
CA ALA A 226 -0.84 -15.95 -25.42
C ALA A 226 -1.85 -15.66 -26.54
N GLY A 227 -3.08 -16.13 -26.37
CA GLY A 227 -4.16 -15.90 -27.33
C GLY A 227 -5.36 -16.79 -27.01
N PRO A 228 -6.48 -16.61 -27.71
CA PRO A 228 -7.72 -17.33 -27.41
C PRO A 228 -7.42 -18.81 -27.15
N GLY A 229 -7.78 -19.32 -25.97
CA GLY A 229 -7.55 -20.72 -25.57
C GLY A 229 -6.33 -20.92 -24.67
N GLY A 230 -5.45 -19.91 -24.50
CA GLY A 230 -4.19 -20.08 -23.75
C GLY A 230 -3.60 -18.75 -23.27
N TRP A 231 -3.61 -18.50 -21.96
CA TRP A 231 -3.23 -17.20 -21.36
C TRP A 231 -2.12 -17.33 -20.32
N ASN A 232 -1.29 -16.30 -20.23
CA ASN A 232 -0.37 -16.10 -19.08
C ASN A 232 -1.22 -15.75 -17.86
N ASP A 233 -0.92 -16.40 -16.75
CA ASP A 233 -1.69 -16.15 -15.51
C ASP A 233 -0.76 -15.55 -14.46
N PRO A 234 -0.87 -14.23 -14.23
CA PRO A 234 -0.06 -13.53 -13.22
C PRO A 234 -0.69 -13.54 -11.82
N ASP A 235 -1.72 -14.37 -11.61
CA ASP A 235 -2.37 -14.69 -10.32
C ASP A 235 -3.51 -13.68 -10.04
N MET A 236 -4.15 -13.84 -8.88
CA MET A 236 -5.48 -13.29 -8.52
C MET A 236 -5.42 -11.76 -8.42
N LEU A 237 -6.54 -11.13 -8.76
CA LEU A 237 -6.88 -9.75 -8.35
C LEU A 237 -7.08 -9.72 -6.84
N VAL A 238 -6.42 -8.79 -6.15
CA VAL A 238 -6.52 -8.65 -4.67
C VAL A 238 -7.20 -7.32 -4.34
N ILE A 239 -7.80 -6.69 -5.34
CA ILE A 239 -8.59 -5.43 -5.18
C ILE A 239 -9.75 -5.76 -4.25
N GLY A 240 -10.05 -4.89 -3.28
CA GLY A 240 -11.14 -5.06 -2.31
C GLY A 240 -10.68 -5.62 -0.97
N ASN A 241 -9.39 -5.96 -0.81
CA ASN A 241 -8.77 -6.44 0.45
C ASN A 241 -8.10 -5.25 1.19
N PHE A 242 -6.90 -5.42 1.75
CA PHE A 242 -6.38 -4.58 2.85
C PHE A 242 -5.05 -3.88 2.50
N GLY A 243 -4.28 -4.42 1.55
CA GLY A 243 -2.83 -4.15 1.38
C GLY A 243 -2.51 -3.13 0.31
N LEU A 244 -3.47 -2.81 -0.56
CA LEU A 244 -3.27 -1.96 -1.76
C LEU A 244 -3.95 -0.61 -1.53
N SER A 245 -3.24 0.48 -1.78
CA SER A 245 -3.87 1.82 -1.91
C SER A 245 -4.78 1.82 -3.13
N TRP A 246 -5.66 2.80 -3.19
CA TRP A 246 -6.51 3.05 -4.37
C TRP A 246 -5.64 3.07 -5.64
N ASN A 247 -4.52 3.79 -5.65
CA ASN A 247 -3.71 3.91 -6.87
C ASN A 247 -3.12 2.55 -7.23
N GLN A 248 -2.72 1.74 -6.23
CA GLN A 248 -2.13 0.41 -6.47
C GLN A 248 -3.22 -0.56 -6.99
N GLN A 249 -4.47 -0.39 -6.55
CA GLN A 249 -5.60 -1.21 -7.04
C GLN A 249 -5.88 -0.89 -8.51
N VAL A 250 -5.78 0.38 -8.88
CA VAL A 250 -5.97 0.87 -10.28
C VAL A 250 -4.86 0.24 -11.11
N THR A 251 -3.62 0.30 -10.61
CA THR A 251 -2.49 -0.33 -11.33
C THR A 251 -2.81 -1.81 -11.57
N GLN A 252 -3.27 -2.54 -10.57
CA GLN A 252 -3.55 -3.99 -10.80
C GLN A 252 -4.61 -4.14 -11.89
N MET A 253 -5.73 -3.42 -11.79
CA MET A 253 -6.87 -3.62 -12.74
C MET A 253 -6.42 -3.22 -14.14
N ALA A 254 -5.74 -2.09 -14.28
CA ALA A 254 -5.24 -1.58 -15.59
C ALA A 254 -4.31 -2.63 -16.23
N LEU A 255 -3.38 -3.18 -15.47
CA LEU A 255 -2.32 -4.01 -16.10
C LEU A 255 -2.75 -5.46 -16.28
N TRP A 256 -3.70 -5.95 -15.50
CA TRP A 256 -4.28 -7.30 -15.74
C TRP A 256 -5.07 -7.25 -17.06
N ALA A 257 -5.63 -6.08 -17.41
CA ALA A 257 -6.31 -5.81 -18.69
C ALA A 257 -5.29 -5.74 -19.83
N ILE A 258 -4.23 -4.97 -19.67
CA ILE A 258 -3.14 -4.91 -20.68
C ILE A 258 -2.59 -6.32 -20.91
N MET A 259 -2.45 -7.13 -19.86
CA MET A 259 -1.74 -8.44 -19.94
C MET A 259 -2.68 -9.57 -20.40
N ALA A 260 -3.94 -9.28 -20.71
CA ALA A 260 -4.93 -10.31 -21.12
C ALA A 260 -4.82 -11.46 -20.10
N ALA A 261 -4.83 -11.07 -18.84
CA ALA A 261 -4.77 -11.97 -17.68
C ALA A 261 -6.16 -12.50 -17.44
N PRO A 262 -6.25 -13.75 -16.97
CA PRO A 262 -7.45 -14.20 -16.27
C PRO A 262 -7.70 -13.24 -15.10
N LEU A 263 -8.96 -12.93 -14.86
CA LEU A 263 -9.45 -12.05 -13.77
C LEU A 263 -10.18 -12.92 -12.73
N PHE A 264 -9.42 -13.48 -11.80
CA PHE A 264 -9.92 -14.19 -10.59
C PHE A 264 -9.74 -13.29 -9.37
N MET A 265 -10.85 -12.65 -8.97
CA MET A 265 -10.97 -11.91 -7.70
C MET A 265 -10.67 -12.91 -6.57
N SER A 266 -9.84 -12.55 -5.60
CA SER A 266 -9.78 -13.25 -4.30
C SER A 266 -10.02 -12.19 -3.23
N ASN A 267 -11.28 -12.03 -2.85
CA ASN A 267 -11.74 -10.98 -1.91
C ASN A 267 -12.94 -11.54 -1.15
N ASP A 268 -13.54 -10.74 -0.29
CA ASP A 268 -14.81 -11.05 0.41
C ASP A 268 -15.93 -10.23 -0.23
N LEU A 269 -16.78 -10.86 -1.02
CA LEU A 269 -17.85 -10.15 -1.76
C LEU A 269 -18.92 -9.63 -0.79
N ARG A 270 -18.93 -10.13 0.45
CA ARG A 270 -19.85 -9.70 1.54
C ARG A 270 -19.40 -8.36 2.13
N HIS A 271 -18.13 -7.99 1.94
CA HIS A 271 -17.49 -6.81 2.60
C HIS A 271 -16.48 -6.18 1.64
N ILE A 272 -16.97 -5.36 0.73
CA ILE A 272 -16.11 -4.72 -0.29
C ILE A 272 -16.63 -3.30 -0.53
N SER A 273 -15.75 -2.32 -0.54
CA SER A 273 -16.08 -0.89 -0.70
C SER A 273 -16.80 -0.65 -2.03
N PRO A 274 -17.62 0.41 -2.11
CA PRO A 274 -18.13 0.85 -3.41
C PRO A 274 -17.01 1.08 -4.43
N GLN A 275 -15.90 1.69 -4.03
CA GLN A 275 -14.78 2.06 -4.94
C GLN A 275 -14.20 0.78 -5.56
N ALA A 276 -13.90 -0.22 -4.73
CA ALA A 276 -13.29 -1.50 -5.14
C ALA A 276 -14.25 -2.22 -6.10
N LYS A 277 -15.55 -2.19 -5.78
CA LYS A 277 -16.61 -2.84 -6.58
C LYS A 277 -16.70 -2.20 -7.97
N ALA A 278 -16.75 -0.88 -8.06
CA ALA A 278 -16.88 -0.15 -9.35
C ALA A 278 -15.62 -0.32 -10.22
N LEU A 279 -14.42 -0.36 -9.63
CA LEU A 279 -13.17 -0.65 -10.38
C LEU A 279 -13.24 -2.07 -10.97
N LEU A 280 -13.55 -3.06 -10.15
CA LEU A 280 -13.60 -4.49 -10.57
C LEU A 280 -14.74 -4.72 -11.59
N GLN A 281 -15.80 -3.91 -11.55
CA GLN A 281 -16.96 -4.03 -12.47
C GLN A 281 -16.83 -3.02 -13.62
N ASP A 282 -15.67 -2.39 -13.77
CA ASP A 282 -15.49 -1.30 -14.78
C ASP A 282 -15.60 -1.92 -16.18
N LYS A 283 -16.73 -1.69 -16.87
CA LYS A 283 -17.10 -2.35 -18.16
C LYS A 283 -16.10 -2.01 -19.28
N ASP A 284 -15.64 -0.76 -19.39
CA ASP A 284 -14.65 -0.32 -20.39
C ASP A 284 -13.33 -1.06 -20.16
N VAL A 285 -12.91 -1.23 -18.91
CA VAL A 285 -11.62 -1.90 -18.60
C VAL A 285 -11.76 -3.40 -18.78
N ILE A 286 -12.90 -4.00 -18.42
CA ILE A 286 -13.13 -5.46 -18.64
C ILE A 286 -13.16 -5.72 -20.15
N ALA A 287 -13.80 -4.83 -20.94
CA ALA A 287 -13.83 -4.92 -22.41
C ALA A 287 -12.41 -4.94 -22.96
N ILE A 288 -11.47 -4.20 -22.37
CA ILE A 288 -10.05 -4.31 -22.79
C ILE A 288 -9.53 -5.71 -22.43
N ASN A 289 -9.74 -6.17 -21.22
CA ASN A 289 -9.20 -7.49 -20.78
C ASN A 289 -9.77 -8.56 -21.74
N GLN A 290 -11.06 -8.41 -22.08
CA GLN A 290 -11.87 -9.44 -22.78
C GLN A 290 -11.86 -9.23 -24.30
N ASP A 291 -10.99 -8.37 -24.82
CA ASP A 291 -10.95 -8.07 -26.28
C ASP A 291 -10.82 -9.38 -27.08
N PRO A 292 -11.73 -9.65 -28.06
CA PRO A 292 -11.78 -10.93 -28.75
C PRO A 292 -10.54 -11.31 -29.60
N LEU A 293 -9.79 -10.31 -30.04
CA LEU A 293 -8.46 -10.49 -30.67
C LEU A 293 -7.52 -11.25 -29.73
N GLY A 294 -7.54 -11.02 -28.42
CA GLY A 294 -6.76 -11.89 -27.52
C GLY A 294 -5.26 -11.73 -27.68
N LYS A 295 -4.77 -10.54 -28.06
CA LYS A 295 -3.31 -10.28 -28.23
C LYS A 295 -2.79 -9.68 -26.92
N GLN A 296 -1.89 -10.37 -26.22
CA GLN A 296 -1.38 -9.86 -24.92
C GLN A 296 -0.60 -8.57 -25.16
N GLY A 297 -0.69 -7.60 -24.25
CA GLY A 297 0.04 -6.34 -24.33
C GLY A 297 1.44 -6.55 -23.80
N TYR A 298 2.24 -5.50 -23.75
CA TYR A 298 3.67 -5.64 -23.44
C TYR A 298 4.17 -4.31 -22.90
N GLN A 299 5.34 -4.32 -22.28
CA GLN A 299 6.00 -3.07 -21.85
C GLN A 299 6.69 -2.48 -23.07
N LEU A 300 6.33 -1.25 -23.42
CA LEU A 300 6.90 -0.50 -24.54
C LEU A 300 8.17 0.18 -24.07
N ARG A 301 8.12 0.81 -22.88
CA ARG A 301 9.16 1.73 -22.35
C ARG A 301 9.27 1.66 -20.83
N GLN A 302 10.45 1.96 -20.34
CA GLN A 302 10.77 2.02 -18.89
C GLN A 302 11.94 2.98 -18.76
N GLY A 303 11.83 3.93 -17.84
CA GLY A 303 12.79 5.04 -17.66
C GLY A 303 12.21 6.11 -16.75
N ASP A 304 13.08 6.74 -15.96
CA ASP A 304 12.72 7.87 -15.07
C ASP A 304 11.59 7.40 -14.15
N ASN A 305 11.65 6.14 -13.70
CA ASN A 305 10.66 5.52 -12.79
C ASN A 305 9.25 5.62 -13.38
N PHE A 306 9.13 5.66 -14.70
CA PHE A 306 7.87 5.46 -15.47
C PHE A 306 7.97 4.19 -16.29
N GLU A 307 6.83 3.54 -16.49
CA GLU A 307 6.63 2.43 -17.45
C GLU A 307 5.51 2.81 -18.40
N VAL A 308 5.66 2.53 -19.69
CA VAL A 308 4.55 2.58 -20.68
C VAL A 308 4.33 1.16 -21.19
N TRP A 309 3.11 0.65 -21.02
CA TRP A 309 2.64 -0.63 -21.59
C TRP A 309 1.57 -0.33 -22.63
N GLU A 310 1.42 -1.20 -23.63
CA GLU A 310 0.32 -1.10 -24.62
C GLU A 310 -0.11 -2.51 -25.04
N ARG A 311 -1.36 -2.57 -25.48
CA ARG A 311 -2.03 -3.78 -25.99
C ARG A 311 -2.80 -3.43 -27.25
N PRO A 312 -2.58 -4.16 -28.37
CA PRO A 312 -3.41 -4.00 -29.57
C PRO A 312 -4.78 -4.65 -29.34
N LEU A 313 -5.84 -3.97 -29.81
CA LEU A 313 -7.26 -4.41 -29.66
C LEU A 313 -7.89 -4.62 -31.04
N SER A 314 -9.08 -5.24 -31.07
CA SER A 314 -10.01 -5.31 -32.24
C SER A 314 -10.15 -3.92 -32.85
N GLY A 315 -10.27 -3.85 -34.17
CA GLY A 315 -10.78 -2.67 -34.89
C GLY A 315 -9.86 -1.48 -34.82
N LEU A 316 -8.56 -1.68 -34.88
CA LEU A 316 -7.53 -0.60 -34.93
C LEU A 316 -7.44 0.18 -33.60
N ALA A 317 -8.00 -0.34 -32.50
CA ALA A 317 -7.91 0.28 -31.17
C ALA A 317 -6.64 -0.23 -30.48
N TRP A 318 -6.08 0.61 -29.60
CA TRP A 318 -4.99 0.26 -28.66
C TRP A 318 -5.37 0.68 -27.24
N ALA A 319 -5.00 -0.13 -26.25
CA ALA A 319 -4.95 0.29 -24.83
C ALA A 319 -3.51 0.73 -24.53
N VAL A 320 -3.34 1.84 -23.82
CA VAL A 320 -2.03 2.29 -23.28
C VAL A 320 -2.15 2.56 -21.76
N ALA A 321 -1.18 2.05 -21.00
CA ALA A 321 -1.08 2.18 -19.53
C ALA A 321 0.24 2.87 -19.22
N MET A 322 0.20 3.89 -18.36
CA MET A 322 1.41 4.63 -17.93
C MET A 322 1.46 4.56 -16.41
N ILE A 323 2.51 3.91 -15.91
CA ILE A 323 2.73 3.64 -14.46
C ILE A 323 3.76 4.64 -13.93
N ASN A 324 3.49 5.22 -12.77
CA ASN A 324 4.52 5.99 -12.01
C ASN A 324 5.09 5.08 -10.94
N ARG A 325 6.34 4.65 -11.06
CA ARG A 325 6.96 3.71 -10.08
C ARG A 325 7.72 4.50 -9.00
N GLN A 326 7.67 5.84 -9.02
CA GLN A 326 8.31 6.69 -7.99
C GLN A 326 7.39 6.75 -6.77
N GLU A 327 7.82 6.22 -5.62
CA GLU A 327 6.94 6.08 -4.42
C GLU A 327 7.23 7.24 -3.45
N ILE A 328 7.32 8.46 -3.96
CA ILE A 328 7.57 9.69 -3.14
C ILE A 328 7.08 10.87 -3.96
N GLY A 329 6.62 11.93 -3.32
CA GLY A 329 6.20 13.15 -4.03
C GLY A 329 4.76 13.04 -4.50
N GLY A 330 4.44 13.73 -5.59
CA GLY A 330 3.09 13.98 -6.10
C GLY A 330 2.91 13.46 -7.51
N PRO A 331 1.74 13.73 -8.14
CA PRO A 331 1.50 13.36 -9.53
C PRO A 331 2.62 13.90 -10.42
N ARG A 332 3.30 13.00 -11.14
CA ARG A 332 4.46 13.35 -11.98
C ARG A 332 4.03 13.41 -13.44
N SER A 333 4.54 14.39 -14.16
CA SER A 333 4.24 14.61 -15.58
C SER A 333 4.99 13.58 -16.43
N TYR A 334 4.27 12.93 -17.35
CA TYR A 334 4.85 12.08 -18.40
C TYR A 334 4.26 12.48 -19.76
N THR A 335 5.11 12.59 -20.76
CA THR A 335 4.68 12.89 -22.15
C THR A 335 5.35 11.89 -23.10
N ILE A 336 4.61 11.46 -24.12
CA ILE A 336 5.13 10.58 -25.19
C ILE A 336 4.50 11.02 -26.51
N ALA A 337 5.28 11.01 -27.60
CA ALA A 337 4.77 11.22 -28.98
C ALA A 337 3.72 10.14 -29.23
N VAL A 338 2.52 10.49 -29.67
CA VAL A 338 1.52 9.43 -29.99
C VAL A 338 1.99 8.59 -31.19
N ALA A 339 2.94 9.07 -32.00
CA ALA A 339 3.51 8.31 -33.12
C ALA A 339 4.30 7.12 -32.57
N SER A 340 4.75 7.19 -31.32
CA SER A 340 5.55 6.12 -30.66
C SER A 340 4.63 5.01 -30.17
N LEU A 341 3.31 5.24 -30.16
CA LEU A 341 2.31 4.29 -29.60
C LEU A 341 1.73 3.41 -30.69
N GLY A 342 1.33 2.19 -30.33
CA GLY A 342 0.69 1.22 -31.23
C GLY A 342 1.48 1.05 -32.51
N LYS A 343 2.80 0.99 -32.41
CA LYS A 343 3.72 0.64 -33.53
C LYS A 343 3.66 1.69 -34.65
N GLY A 344 3.11 2.87 -34.41
CA GLY A 344 3.09 3.97 -35.39
C GLY A 344 1.76 4.03 -36.13
N VAL A 345 0.81 3.17 -35.77
CA VAL A 345 -0.46 2.98 -36.52
C VAL A 345 -1.68 3.47 -35.73
N ALA A 346 -1.64 3.40 -34.41
CA ALA A 346 -2.72 3.86 -33.50
C ALA A 346 -3.21 5.23 -33.93
N CYS A 347 -2.29 6.17 -34.14
CA CYS A 347 -2.63 7.61 -34.30
C CYS A 347 -2.16 8.18 -35.65
N ASN A 348 -2.03 7.32 -36.66
CA ASN A 348 -1.78 7.75 -38.07
C ASN A 348 -3.06 7.55 -38.86
N PRO A 349 -3.71 8.60 -39.41
CA PRO A 349 -3.26 10.00 -39.29
C PRO A 349 -3.60 10.70 -37.97
N ALA A 350 -4.58 10.15 -37.23
CA ALA A 350 -5.04 10.66 -35.92
C ALA A 350 -5.78 9.56 -35.16
N CYS A 351 -5.99 9.81 -33.87
CA CYS A 351 -6.74 8.90 -32.97
C CYS A 351 -7.55 9.76 -32.01
N PHE A 352 -8.69 9.26 -31.59
CA PHE A 352 -9.44 9.81 -30.44
C PHE A 352 -8.98 9.04 -29.20
N ILE A 353 -8.58 9.78 -28.15
CA ILE A 353 -8.08 9.16 -26.89
C ILE A 353 -9.12 9.38 -25.79
N THR A 354 -9.50 8.28 -25.15
CA THR A 354 -10.30 8.29 -23.91
C THR A 354 -9.44 7.76 -22.77
N GLN A 355 -9.27 8.53 -21.71
CA GLN A 355 -8.81 8.03 -20.39
C GLN A 355 -9.93 7.18 -19.77
N LEU A 356 -9.57 6.00 -19.29
CA LEU A 356 -10.49 5.06 -18.59
C LEU A 356 -10.18 5.06 -17.09
N LEU A 357 -8.89 5.08 -16.70
CA LEU A 357 -8.47 5.05 -15.28
C LEU A 357 -7.45 6.16 -15.08
N PRO A 358 -7.39 6.82 -13.91
CA PRO A 358 -8.24 6.48 -12.76
C PRO A 358 -9.71 6.90 -12.86
N VAL A 359 -10.03 7.82 -13.76
CA VAL A 359 -11.43 8.21 -14.09
C VAL A 359 -11.58 8.21 -15.60
N LYS A 360 -12.81 8.00 -16.07
CA LYS A 360 -13.20 8.14 -17.49
C LYS A 360 -13.25 9.62 -17.87
N ARG A 361 -12.53 10.00 -18.93
CA ARG A 361 -12.45 11.38 -19.45
C ARG A 361 -12.07 11.31 -20.94
N LYS A 362 -12.88 11.89 -21.81
CA LYS A 362 -12.52 12.06 -23.26
C LYS A 362 -11.41 13.12 -23.31
N LEU A 363 -10.25 12.78 -23.86
CA LEU A 363 -9.11 13.74 -24.00
C LEU A 363 -9.19 14.43 -25.36
N GLY A 364 -9.78 13.77 -26.37
CA GLY A 364 -10.04 14.34 -27.69
C GLY A 364 -9.18 13.75 -28.80
N PHE A 365 -9.04 14.50 -29.89
CA PHE A 365 -8.34 14.09 -31.13
C PHE A 365 -6.85 14.42 -31.01
N TYR A 366 -6.01 13.44 -31.31
CA TYR A 366 -4.53 13.53 -31.34
C TYR A 366 -4.11 13.25 -32.78
N GLU A 367 -3.31 14.15 -33.36
CA GLU A 367 -2.74 13.98 -34.71
C GLU A 367 -1.49 13.10 -34.59
N TRP A 368 -1.07 12.51 -35.69
CA TRP A 368 0.17 11.70 -35.77
C TRP A 368 1.34 12.52 -35.20
N THR A 369 1.28 13.86 -35.28
CA THR A 369 2.39 14.75 -34.82
C THR A 369 2.34 15.00 -33.31
N SER A 370 1.26 14.59 -32.63
CA SER A 370 0.89 15.07 -31.27
C SER A 370 1.74 14.37 -30.20
N ARG A 371 1.75 14.96 -29.00
CA ARG A 371 2.36 14.39 -27.78
C ARG A 371 1.24 14.28 -26.77
N LEU A 372 1.11 13.12 -26.15
CA LEU A 372 0.17 12.89 -25.04
C LEU A 372 0.89 13.30 -23.74
N ARG A 373 0.32 14.23 -22.97
CA ARG A 373 0.84 14.64 -21.64
C ARG A 373 -0.12 14.15 -20.56
N SER A 374 0.43 13.51 -19.54
CA SER A 374 -0.39 12.99 -18.42
C SER A 374 0.32 13.21 -17.08
N HIS A 375 -0.46 13.42 -16.01
CA HIS A 375 0.04 13.44 -14.61
C HIS A 375 -0.36 12.09 -14.00
N ILE A 376 0.61 11.32 -13.51
CA ILE A 376 0.37 9.96 -12.96
C ILE A 376 0.75 9.93 -11.48
N ASN A 377 -0.17 9.45 -10.67
CA ASN A 377 -0.04 9.30 -9.20
C ASN A 377 1.05 8.30 -8.89
N PRO A 378 1.90 8.57 -7.89
CA PRO A 378 2.83 7.57 -7.37
C PRO A 378 2.14 6.23 -7.09
N THR A 379 2.65 5.15 -7.70
CA THR A 379 2.16 3.73 -7.66
C THR A 379 0.84 3.59 -8.42
N GLY A 380 0.36 4.66 -9.06
CA GLY A 380 -0.84 4.66 -9.90
C GLY A 380 -0.53 4.39 -11.36
N THR A 381 -1.59 4.24 -12.15
CA THR A 381 -1.56 3.99 -13.60
C THR A 381 -2.63 4.88 -14.24
N VAL A 382 -2.29 5.45 -15.39
CA VAL A 382 -3.28 6.08 -16.32
C VAL A 382 -3.49 5.07 -17.44
N LEU A 383 -4.76 4.67 -17.65
CA LEU A 383 -5.15 3.73 -18.71
C LEU A 383 -5.92 4.54 -19.76
N LEU A 384 -5.51 4.42 -21.01
CA LEU A 384 -6.12 5.14 -22.15
C LEU A 384 -6.54 4.12 -23.19
N GLN A 385 -7.61 4.44 -23.90
CA GLN A 385 -8.01 3.75 -25.14
C GLN A 385 -7.86 4.74 -26.30
N LEU A 386 -7.17 4.27 -27.33
CA LEU A 386 -6.89 4.98 -28.60
C LEU A 386 -7.76 4.36 -29.69
N GLU A 387 -8.58 5.17 -30.39
CA GLU A 387 -9.41 4.74 -31.55
C GLU A 387 -8.85 5.44 -32.80
N ASN A 388 -8.35 4.66 -33.76
CA ASN A 388 -7.79 5.25 -35.00
C ASN A 388 -8.95 5.89 -35.75
N THR A 389 -8.69 7.04 -36.35
CA THR A 389 -9.72 7.94 -36.94
C THR A 389 -10.33 7.30 -38.21
N MET A 390 -9.60 6.40 -38.90
CA MET A 390 -10.10 5.55 -40.02
C MET A 390 -10.61 4.21 -39.47
N LEU B 1 15.19 20.09 24.96
CA LEU B 1 15.55 21.55 24.94
C LEU B 1 14.60 22.32 25.85
N ASP B 2 15.15 22.99 26.86
CA ASP B 2 14.41 23.72 27.93
C ASP B 2 14.14 25.17 27.49
N ASN B 3 13.42 25.35 26.38
CA ASN B 3 13.03 26.68 25.83
C ASN B 3 11.55 26.93 26.07
N GLY B 4 10.88 26.08 26.85
CA GLY B 4 9.44 26.21 27.12
C GLY B 4 8.56 25.80 25.94
N LEU B 5 9.15 25.28 24.86
CA LEU B 5 8.36 24.87 23.66
C LEU B 5 8.25 23.35 23.57
N ALA B 6 7.28 22.86 22.79
CA ALA B 6 7.10 21.44 22.47
C ALA B 6 6.89 20.65 23.75
N ARG B 7 6.05 21.15 24.65
CA ARG B 7 5.69 20.45 25.90
C ARG B 7 4.85 19.23 25.52
N THR B 8 4.13 19.33 24.40
CA THR B 8 3.60 18.17 23.66
C THR B 8 4.28 18.11 22.29
N PRO B 9 4.23 16.96 21.59
CA PRO B 9 4.82 16.86 20.25
C PRO B 9 4.22 17.90 19.31
N THR B 10 5.07 18.62 18.58
CA THR B 10 4.68 19.66 17.61
C THR B 10 3.79 19.06 16.51
N MET B 11 2.72 19.79 16.17
CA MET B 11 1.76 19.39 15.12
C MET B 11 1.74 20.50 14.06
N GLY B 12 1.71 20.09 12.79
CA GLY B 12 1.72 21.01 11.65
C GLY B 12 1.78 20.28 10.34
N TRP B 13 2.17 21.02 9.31
CA TRP B 13 2.27 20.58 7.91
C TRP B 13 3.66 20.96 7.43
N LEU B 14 4.31 20.05 6.72
CA LEU B 14 5.65 20.22 6.14
C LEU B 14 5.59 19.75 4.67
N HIS B 15 6.20 20.48 3.73
CA HIS B 15 5.98 20.29 2.27
C HIS B 15 6.79 19.11 1.73
N TRP B 16 7.84 18.68 2.43
CA TRP B 16 8.92 17.91 1.79
C TRP B 16 8.43 16.64 1.07
N GLU B 17 7.75 15.73 1.76
CA GLU B 17 7.48 14.38 1.18
C GLU B 17 6.62 14.53 -0.08
N ARG B 18 5.63 15.42 -0.02
N ARG B 18 5.62 15.41 -0.06
CA ARG B 18 4.59 15.60 -1.06
CA ARG B 18 4.62 15.50 -1.16
C ARG B 18 5.14 16.44 -2.22
C ARG B 18 5.12 16.45 -2.25
N PHE B 19 5.83 17.54 -1.92
CA PHE B 19 6.23 18.56 -2.92
C PHE B 19 7.72 18.55 -3.22
N MET B 20 8.54 18.02 -2.31
CA MET B 20 9.99 17.80 -2.53
C MET B 20 10.66 19.11 -2.98
N CYS B 21 11.60 19.05 -3.94
CA CYS B 21 12.38 20.20 -4.44
C CYS B 21 11.89 20.61 -5.84
N ASN B 22 10.58 20.74 -6.04
CA ASN B 22 10.03 21.12 -7.36
C ASN B 22 10.29 22.61 -7.59
N LEU B 23 11.28 22.94 -8.44
CA LEU B 23 11.62 24.35 -8.80
C LEU B 23 10.92 24.78 -10.10
N ASP B 24 10.21 23.88 -10.79
CA ASP B 24 9.63 24.15 -12.13
C ASP B 24 8.24 24.80 -12.00
N CYS B 25 8.17 26.10 -11.74
CA CYS B 25 6.89 26.84 -11.56
C CYS B 25 6.22 27.06 -12.93
N GLN B 26 6.97 26.97 -14.02
CA GLN B 26 6.45 27.24 -15.39
C GLN B 26 5.63 26.03 -15.82
N GLU B 27 6.18 24.81 -15.67
CA GLU B 27 5.52 23.57 -16.17
C GLU B 27 4.79 22.82 -15.05
N GLU B 28 5.12 23.06 -13.77
CA GLU B 28 4.49 22.35 -12.61
C GLU B 28 4.09 23.37 -11.54
N PRO B 29 3.31 24.41 -11.88
CA PRO B 29 3.00 25.49 -10.93
C PRO B 29 2.25 25.06 -9.66
N ASP B 30 1.37 24.04 -9.77
CA ASP B 30 0.53 23.59 -8.65
C ASP B 30 1.36 22.82 -7.62
N SER B 31 2.55 22.36 -7.98
CA SER B 31 3.42 21.56 -7.07
C SER B 31 4.79 22.21 -6.84
N CYS B 32 5.05 23.41 -7.38
CA CYS B 32 6.38 24.05 -7.22
C CYS B 32 6.45 24.75 -5.86
N ILE B 33 7.64 24.78 -5.28
CA ILE B 33 7.87 25.41 -3.94
C ILE B 33 7.82 26.94 -4.10
N SER B 34 6.67 27.53 -3.78
CA SER B 34 6.36 28.96 -4.01
C SER B 34 5.58 29.50 -2.80
N GLU B 35 5.62 30.82 -2.61
CA GLU B 35 4.86 31.50 -1.54
C GLU B 35 3.38 31.17 -1.71
N LYS B 36 2.90 31.06 -2.96
CA LYS B 36 1.46 30.89 -3.26
C LYS B 36 1.00 29.54 -2.71
N LEU B 37 1.81 28.49 -2.89
CA LEU B 37 1.56 27.15 -2.31
C LEU B 37 1.35 27.27 -0.79
N PHE B 38 2.22 27.99 -0.08
CA PHE B 38 2.18 28.09 1.40
C PHE B 38 0.99 28.96 1.80
N MET B 39 0.80 30.10 1.12
CA MET B 39 -0.39 30.95 1.35
C MET B 39 -1.66 30.09 1.20
N GLU B 40 -1.76 29.27 0.15
CA GLU B 40 -3.00 28.50 -0.08
C GLU B 40 -3.13 27.41 1.00
N MET B 41 -2.02 26.76 1.36
CA MET B 41 -1.98 25.71 2.41
C MET B 41 -2.41 26.34 3.74
N ALA B 42 -1.93 27.57 4.02
CA ALA B 42 -2.29 28.35 5.23
C ALA B 42 -3.81 28.54 5.28
N GLU B 43 -4.43 29.07 4.22
CA GLU B 43 -5.90 29.32 4.19
C GLU B 43 -6.62 28.01 4.52
N LEU B 44 -6.23 26.90 3.87
CA LEU B 44 -6.98 25.62 4.01
C LEU B 44 -6.77 25.06 5.42
N MET B 45 -5.62 25.31 6.04
CA MET B 45 -5.39 24.85 7.44
C MET B 45 -6.45 25.50 8.34
N VAL B 46 -6.74 26.78 8.11
CA VAL B 46 -7.81 27.50 8.88
C VAL B 46 -9.18 26.94 8.51
N SER B 47 -9.55 27.00 7.23
CA SER B 47 -10.95 26.82 6.77
C SER B 47 -11.36 25.34 6.78
N GLU B 48 -10.43 24.38 6.73
CA GLU B 48 -10.76 22.93 6.63
C GLU B 48 -10.51 22.21 7.97
N GLY B 49 -10.31 22.93 9.07
CA GLY B 49 -10.41 22.37 10.44
C GLY B 49 -9.07 21.92 11.01
N TRP B 50 -7.97 22.13 10.29
CA TRP B 50 -6.64 21.58 10.65
C TRP B 50 -6.13 22.28 11.90
N LYS B 51 -6.21 23.62 11.94
CA LYS B 51 -5.73 24.42 13.09
C LYS B 51 -6.55 24.03 14.33
N ASP B 52 -7.87 23.95 14.18
CA ASP B 52 -8.78 23.50 15.26
C ASP B 52 -8.31 22.16 15.83
N ALA B 53 -7.82 21.24 15.00
CA ALA B 53 -7.45 19.87 15.44
C ALA B 53 -6.07 19.90 16.11
N GLY B 54 -5.31 20.98 15.93
CA GLY B 54 -4.01 21.19 16.60
C GLY B 54 -2.86 21.40 15.63
N TYR B 55 -3.07 21.25 14.34
CA TYR B 55 -1.98 21.42 13.33
C TYR B 55 -1.76 22.92 13.18
N GLU B 56 -0.66 23.41 13.76
CA GLU B 56 -0.48 24.85 14.11
C GLU B 56 0.65 25.43 13.27
N TYR B 57 1.68 24.61 13.00
CA TYR B 57 2.92 25.03 12.30
C TYR B 57 2.84 24.73 10.79
N LEU B 58 2.86 25.78 9.97
CA LEU B 58 3.03 25.71 8.50
C LEU B 58 4.53 25.82 8.21
N CYS B 59 5.15 24.73 7.77
CA CYS B 59 6.62 24.61 7.67
C CYS B 59 7.10 24.48 6.23
N ILE B 60 8.12 25.26 5.89
CA ILE B 60 8.87 25.22 4.62
C ILE B 60 10.06 24.31 4.84
N ASP B 61 10.29 23.37 3.93
CA ASP B 61 11.46 22.47 3.93
C ASP B 61 12.51 23.04 2.97
N ASP B 62 13.35 22.20 2.42
CA ASP B 62 14.45 22.59 1.50
C ASP B 62 13.87 23.27 0.24
N CYS B 63 14.68 24.09 -0.43
CA CYS B 63 14.42 24.70 -1.78
C CYS B 63 13.49 25.92 -1.71
N TRP B 64 13.57 26.69 -0.63
CA TRP B 64 12.94 28.04 -0.51
C TRP B 64 13.95 29.14 -0.88
N MET B 65 15.25 28.85 -0.79
CA MET B 65 16.36 29.85 -0.86
C MET B 65 16.70 30.28 -2.30
N ALA B 66 17.20 31.50 -2.46
CA ALA B 66 18.00 31.93 -3.63
C ALA B 66 19.28 31.09 -3.69
N PRO B 67 19.88 30.90 -4.88
CA PRO B 67 21.13 30.14 -5.01
C PRO B 67 22.33 30.71 -4.25
N GLN B 68 22.31 32.00 -3.89
CA GLN B 68 23.44 32.70 -3.22
C GLN B 68 22.90 33.61 -2.11
N ARG B 69 23.78 33.96 -1.16
CA ARG B 69 23.48 34.94 -0.07
C ARG B 69 23.57 36.36 -0.65
N ASP B 70 22.80 37.30 -0.09
CA ASP B 70 22.82 38.74 -0.50
C ASP B 70 24.23 39.32 -0.25
N SER B 71 24.46 40.57 -0.67
CA SER B 71 25.73 41.32 -0.52
C SER B 71 26.13 41.39 0.96
N GLU B 72 25.14 41.57 1.84
CA GLU B 72 25.29 41.69 3.31
C GLU B 72 25.34 40.29 3.97
N GLY B 73 25.71 39.23 3.24
CA GLY B 73 26.02 37.88 3.77
C GLY B 73 24.82 37.10 4.28
N ARG B 74 23.58 37.62 4.16
CA ARG B 74 22.32 36.99 4.64
C ARG B 74 21.80 35.99 3.60
N LEU B 75 21.04 34.97 4.03
CA LEU B 75 20.20 34.10 3.16
C LEU B 75 19.07 34.93 2.55
N GLN B 76 18.62 34.59 1.34
CA GLN B 76 17.49 35.29 0.66
C GLN B 76 16.44 34.27 0.22
N ALA B 77 15.17 34.63 0.31
CA ALA B 77 14.08 33.88 -0.33
C ALA B 77 14.35 33.91 -1.83
N ASP B 78 14.06 32.83 -2.55
CA ASP B 78 14.12 32.82 -4.03
C ASP B 78 13.31 34.00 -4.55
N PRO B 79 13.91 34.91 -5.36
CA PRO B 79 13.18 36.09 -5.83
C PRO B 79 12.02 35.76 -6.78
N GLN B 80 12.10 34.69 -7.57
CA GLN B 80 11.04 34.31 -8.54
C GLN B 80 9.88 33.61 -7.80
N ARG B 81 10.18 32.64 -6.93
CA ARG B 81 9.16 31.75 -6.29
C ARG B 81 8.64 32.38 -4.98
N PHE B 82 9.44 33.21 -4.33
CA PHE B 82 9.07 33.93 -3.08
C PHE B 82 9.30 35.44 -3.25
N PRO B 83 8.72 36.09 -4.28
CA PRO B 83 9.00 37.50 -4.56
C PRO B 83 8.68 38.44 -3.38
N HIS B 84 7.73 38.09 -2.51
CA HIS B 84 7.29 38.96 -1.38
C HIS B 84 8.06 38.63 -0.09
N GLY B 85 8.93 37.62 -0.12
CA GLY B 85 9.92 37.33 0.94
C GLY B 85 9.31 36.65 2.17
N ILE B 86 10.17 36.15 3.05
CA ILE B 86 9.77 35.33 4.25
C ILE B 86 8.99 36.21 5.22
N ARG B 87 9.45 37.43 5.45
CA ARG B 87 8.83 38.39 6.40
C ARG B 87 7.33 38.48 6.11
N GLN B 88 6.95 38.70 4.85
CA GLN B 88 5.52 38.94 4.50
C GLN B 88 4.74 37.62 4.57
N LEU B 89 5.36 36.48 4.24
CA LEU B 89 4.68 35.16 4.38
C LEU B 89 4.44 34.91 5.88
N ALA B 90 5.43 35.21 6.73
CA ALA B 90 5.34 35.14 8.22
C ALA B 90 4.14 35.97 8.71
N ASN B 91 3.98 37.20 8.20
CA ASN B 91 2.82 38.08 8.52
C ASN B 91 1.51 37.39 8.12
N TYR B 92 1.46 36.84 6.91
CA TYR B 92 0.26 36.17 6.37
C TYR B 92 -0.05 34.98 7.28
N VAL B 93 0.98 34.17 7.56
CA VAL B 93 0.81 32.93 8.37
C VAL B 93 0.35 33.32 9.79
N HIS B 94 0.99 34.33 10.42
CA HIS B 94 0.58 34.81 11.77
C HIS B 94 -0.85 35.39 11.71
N SER B 95 -1.22 36.06 10.62
CA SER B 95 -2.55 36.71 10.50
C SER B 95 -3.66 35.65 10.55
N LYS B 96 -3.34 34.38 10.24
CA LYS B 96 -4.34 33.26 10.17
C LYS B 96 -4.39 32.53 11.52
N GLY B 97 -3.43 32.79 12.41
CA GLY B 97 -3.34 32.18 13.76
C GLY B 97 -2.37 31.02 13.80
N LEU B 98 -1.51 30.90 12.79
CA LEU B 98 -0.60 29.75 12.60
C LEU B 98 0.82 30.24 12.86
N LYS B 99 1.77 29.34 12.98
CA LYS B 99 3.20 29.66 13.14
C LYS B 99 3.91 29.16 11.90
N LEU B 100 5.08 29.71 11.58
CA LEU B 100 5.81 29.42 10.33
C LEU B 100 7.13 28.73 10.65
N GLY B 101 7.35 27.56 10.05
CA GLY B 101 8.63 26.82 10.09
C GLY B 101 9.41 27.07 8.82
N ILE B 102 10.73 27.05 8.95
CA ILE B 102 11.66 27.18 7.80
C ILE B 102 12.74 26.13 8.04
N TYR B 103 13.69 26.02 7.11
CA TYR B 103 14.64 24.89 6.95
C TYR B 103 16.01 25.47 6.68
N ALA B 104 17.05 24.84 7.20
CA ALA B 104 18.45 25.12 6.84
C ALA B 104 19.28 23.88 7.12
N ASP B 105 20.58 23.95 6.89
CA ASP B 105 21.49 22.78 6.98
C ASP B 105 22.74 23.22 7.72
N VAL B 106 23.22 22.34 8.61
CA VAL B 106 24.35 22.58 9.55
C VAL B 106 25.64 22.72 8.72
N GLY B 107 25.75 21.96 7.65
CA GLY B 107 26.93 21.87 6.77
C GLY B 107 26.99 22.99 5.75
N ASN B 108 27.76 22.76 4.67
CA ASN B 108 28.20 23.82 3.72
C ASN B 108 27.08 24.13 2.72
N LYS B 109 26.28 23.12 2.38
CA LYS B 109 25.10 23.21 1.49
C LYS B 109 23.93 22.41 2.09
N THR B 110 22.69 22.87 1.88
CA THR B 110 21.46 22.06 2.16
C THR B 110 21.54 20.81 1.30
N CYS B 111 20.84 19.75 1.71
CA CYS B 111 20.79 18.47 0.96
C CYS B 111 20.45 18.73 -0.50
N ALA B 112 19.61 19.73 -0.82
CA ALA B 112 19.20 20.05 -2.21
C ALA B 112 20.24 20.94 -2.90
N GLY B 113 21.35 21.28 -2.25
CA GLY B 113 22.47 22.01 -2.87
C GLY B 113 22.41 23.51 -2.67
N PHE B 114 21.46 24.03 -1.87
CA PHE B 114 21.32 25.48 -1.58
C PHE B 114 22.23 25.88 -0.41
N PRO B 115 22.52 27.19 -0.21
CA PRO B 115 23.51 27.63 0.79
C PRO B 115 23.33 27.02 2.20
N GLY B 116 24.36 26.30 2.66
CA GLY B 116 24.46 25.77 4.04
C GLY B 116 24.69 26.89 5.04
N SER B 117 24.76 26.56 6.33
CA SER B 117 25.08 27.53 7.41
C SER B 117 26.45 27.22 8.04
N PHE B 118 27.36 26.55 7.30
CA PHE B 118 28.74 26.15 7.71
C PHE B 118 29.47 27.23 8.54
N GLY B 119 29.41 28.50 8.11
CA GLY B 119 29.54 29.69 8.95
C GLY B 119 28.15 30.27 9.12
N TYR B 120 27.99 31.51 9.58
CA TYR B 120 26.69 32.23 9.56
C TYR B 120 25.65 31.68 10.57
N TYR B 121 25.97 30.64 11.38
CA TYR B 121 25.01 30.11 12.39
C TYR B 121 24.32 31.30 13.07
N ASP B 122 25.10 32.33 13.41
CA ASP B 122 24.63 33.49 14.20
C ASP B 122 23.75 34.42 13.33
N ILE B 123 24.23 34.83 12.16
CA ILE B 123 23.45 35.77 11.28
C ILE B 123 22.17 35.07 10.80
N ASP B 124 22.26 33.79 10.37
CA ASP B 124 21.10 32.97 9.89
C ASP B 124 20.05 32.90 11.01
N ALA B 125 20.47 32.53 12.22
CA ALA B 125 19.58 32.43 13.39
C ALA B 125 18.86 33.78 13.57
N GLN B 126 19.60 34.86 13.36
CA GLN B 126 19.11 36.25 13.57
C GLN B 126 18.18 36.62 12.40
N THR B 127 18.53 36.21 11.18
CA THR B 127 17.71 36.43 9.97
C THR B 127 16.33 35.81 10.22
N PHE B 128 16.29 34.55 10.67
CA PHE B 128 15.03 33.80 10.89
C PHE B 128 14.21 34.58 11.92
N ALA B 129 14.87 35.00 13.01
CA ALA B 129 14.22 35.72 14.12
C ALA B 129 13.63 37.05 13.58
N ASP B 130 14.39 37.81 12.80
CA ASP B 130 13.88 39.07 12.16
C ASP B 130 12.64 38.73 11.32
N TRP B 131 12.66 37.59 10.61
CA TRP B 131 11.63 37.22 9.60
C TRP B 131 10.30 36.88 10.28
N GLY B 132 10.32 36.41 11.52
CA GLY B 132 9.11 35.91 12.21
C GLY B 132 9.04 34.39 12.22
N VAL B 133 10.14 33.71 11.92
CA VAL B 133 10.22 32.23 11.89
C VAL B 133 9.97 31.73 13.30
N ASP B 134 9.05 30.76 13.48
CA ASP B 134 8.61 30.19 14.79
C ASP B 134 9.16 28.76 14.96
N LEU B 135 9.75 28.19 13.91
CA LEU B 135 10.30 26.81 13.96
C LEU B 135 11.42 26.74 12.94
N LEU B 136 12.51 26.06 13.28
CA LEU B 136 13.60 25.73 12.34
C LEU B 136 13.78 24.22 12.33
N LYS B 137 13.84 23.66 11.12
CA LYS B 137 14.26 22.27 10.84
C LYS B 137 15.66 22.35 10.22
N PHE B 138 16.60 21.61 10.79
CA PHE B 138 18.04 21.82 10.57
C PHE B 138 18.64 20.48 10.13
N ASP B 139 18.75 20.30 8.82
CA ASP B 139 19.20 19.02 8.20
C ASP B 139 20.73 18.95 8.35
N GLY B 140 21.35 17.81 8.00
CA GLY B 140 22.75 17.51 8.37
C GLY B 140 23.63 17.17 7.18
N CYS B 141 23.22 17.50 5.95
CA CYS B 141 24.00 17.11 4.75
C CYS B 141 25.26 17.98 4.65
N TYR B 142 26.23 17.52 3.86
CA TYR B 142 27.45 18.28 3.49
C TYR B 142 28.11 18.80 4.76
N CYS B 143 28.38 17.89 5.71
CA CYS B 143 29.02 18.22 7.00
C CYS B 143 30.34 17.47 7.16
N ASP B 144 31.35 18.23 7.61
CA ASP B 144 32.80 17.92 7.66
C ASP B 144 33.11 17.21 8.99
N SER B 145 32.75 15.92 9.13
CA SER B 145 33.09 15.07 10.30
C SER B 145 32.16 15.32 11.50
N LEU B 146 32.12 14.34 12.40
CA LEU B 146 31.42 14.35 13.71
C LEU B 146 31.57 15.68 14.44
N GLU B 147 32.82 16.16 14.56
CA GLU B 147 33.18 17.36 15.37
C GLU B 147 32.29 18.53 14.92
N ASN B 148 32.28 18.83 13.63
CA ASN B 148 31.48 19.97 13.06
C ASN B 148 29.99 19.72 13.23
N LEU B 149 29.52 18.50 12.91
CA LEU B 149 28.08 18.14 13.02
C LEU B 149 27.58 18.57 14.40
N ALA B 150 28.18 17.98 15.44
CA ALA B 150 27.92 18.26 16.88
C ALA B 150 28.02 19.76 17.16
N ASP B 151 29.14 20.38 16.79
CA ASP B 151 29.44 21.80 17.07
C ASP B 151 28.38 22.69 16.39
N GLY B 152 28.09 22.42 15.12
CA GLY B 152 27.06 23.14 14.34
C GLY B 152 25.70 23.05 15.01
N TYR B 153 25.21 21.84 15.30
CA TYR B 153 23.88 21.63 15.95
C TYR B 153 23.83 22.39 17.27
N LYS B 154 24.91 22.31 18.07
CA LYS B 154 25.00 22.98 19.39
C LYS B 154 25.05 24.50 19.21
N HIS B 155 25.74 24.98 18.17
CA HIS B 155 25.93 26.43 17.90
C HIS B 155 24.57 27.06 17.50
N MET B 156 23.89 26.49 16.51
CA MET B 156 22.60 27.04 16.00
C MET B 156 21.57 27.10 17.15
N SER B 157 21.59 26.10 18.05
CA SER B 157 20.71 26.04 19.25
C SER B 157 20.92 27.28 20.11
N LEU B 158 22.17 27.56 20.50
CA LEU B 158 22.51 28.73 21.35
C LEU B 158 22.19 29.99 20.56
N ALA B 159 22.54 30.01 19.28
CA ALA B 159 22.34 31.17 18.38
C ALA B 159 20.84 31.55 18.35
N LEU B 160 19.95 30.57 18.19
CA LEU B 160 18.49 30.82 18.17
C LEU B 160 18.06 31.35 19.53
N ASN B 161 18.56 30.74 20.60
CA ASN B 161 18.36 31.22 21.99
C ASN B 161 18.75 32.70 22.10
N ARG B 162 19.96 33.06 21.63
CA ARG B 162 20.53 34.44 21.77
C ARG B 162 19.65 35.46 21.02
N THR B 163 18.82 35.03 20.07
CA THR B 163 17.86 35.91 19.35
C THR B 163 16.72 36.30 20.29
N GLY B 164 16.59 35.57 21.40
CA GLY B 164 15.47 35.75 22.35
C GLY B 164 14.09 35.66 21.70
N ARG B 165 13.96 34.95 20.55
CA ARG B 165 12.63 34.57 19.99
C ARG B 165 12.36 33.08 20.27
N SER B 166 11.11 32.76 20.60
CA SER B 166 10.57 31.38 20.70
C SER B 166 10.61 30.73 19.31
N ILE B 167 11.51 29.76 19.13
CA ILE B 167 11.71 29.05 17.85
C ILE B 167 11.83 27.56 18.15
N VAL B 168 10.80 26.77 17.85
CA VAL B 168 10.93 25.29 17.98
C VAL B 168 12.14 24.89 17.15
N TYR B 169 13.04 24.10 17.72
CA TYR B 169 14.30 23.71 17.06
C TYR B 169 14.24 22.21 16.78
N SER B 170 14.20 21.84 15.48
CA SER B 170 14.04 20.47 14.95
C SER B 170 15.37 20.05 14.28
N CYS B 171 16.04 19.05 14.85
CA CYS B 171 17.44 18.63 14.55
C CYS B 171 17.45 17.27 13.87
N GLU B 172 18.49 16.98 13.10
CA GLU B 172 18.69 15.65 12.47
C GLU B 172 20.07 15.11 12.90
N TRP B 173 20.55 15.62 14.03
CA TRP B 173 21.86 15.33 14.65
C TRP B 173 22.02 13.82 14.80
N PRO B 174 21.11 13.07 15.47
CA PRO B 174 21.28 11.62 15.61
C PRO B 174 21.39 10.89 14.27
N LEU B 175 20.53 11.24 13.32
CA LEU B 175 20.42 10.57 12.01
C LEU B 175 21.75 10.70 11.25
N TYR B 176 22.39 11.86 11.32
CA TYR B 176 23.66 12.12 10.58
C TYR B 176 24.87 11.72 11.43
N MET B 177 24.67 11.11 12.60
CA MET B 177 25.74 10.67 13.54
C MET B 177 26.02 9.18 13.35
N TRP B 178 24.98 8.35 13.22
CA TRP B 178 25.03 6.86 13.08
C TRP B 178 26.21 6.41 12.22
N PRO B 179 26.38 6.92 10.98
CA PRO B 179 27.52 6.57 10.13
C PRO B 179 28.90 6.60 10.80
N PHE B 180 29.10 7.44 11.82
CA PHE B 180 30.39 7.56 12.57
C PHE B 180 30.30 6.79 13.89
N GLN B 181 29.48 7.26 14.84
CA GLN B 181 29.29 6.57 16.15
C GLN B 181 27.82 6.67 16.61
N LYS B 182 27.42 5.80 17.53
CA LYS B 182 26.08 5.80 18.19
C LYS B 182 25.83 7.20 18.74
N PRO B 183 24.59 7.76 18.63
CA PRO B 183 24.27 9.06 19.22
C PRO B 183 24.27 9.01 20.75
N ASN B 184 24.31 10.20 21.37
CA ASN B 184 24.17 10.40 22.84
C ASN B 184 22.92 11.25 23.05
N TYR B 185 21.82 10.63 23.43
CA TYR B 185 20.46 11.23 23.35
C TYR B 185 20.31 12.26 24.46
N THR B 186 21.01 12.11 25.57
CA THR B 186 20.96 13.06 26.71
C THR B 186 21.53 14.43 26.28
N GLU B 187 22.60 14.43 25.50
CA GLU B 187 23.24 15.67 25.00
C GLU B 187 22.28 16.32 24.00
N ILE B 188 21.84 15.54 22.99
CA ILE B 188 20.94 16.00 21.88
C ILE B 188 19.68 16.63 22.50
N ARG B 189 19.11 15.96 23.49
CA ARG B 189 17.89 16.42 24.18
C ARG B 189 18.12 17.81 24.78
N GLN B 190 19.33 18.11 25.28
CA GLN B 190 19.64 19.43 25.91
C GLN B 190 19.42 20.56 24.90
N TYR B 191 19.79 20.30 23.65
CA TYR B 191 19.92 21.32 22.57
C TYR B 191 18.68 21.36 21.67
N CYS B 192 17.95 20.25 21.51
CA CYS B 192 16.91 20.07 20.44
C CYS B 192 15.51 19.80 21.03
N ASN B 193 14.47 20.44 20.48
CA ASN B 193 13.04 20.13 20.83
C ASN B 193 12.59 18.81 20.17
N HIS B 194 13.17 18.41 19.05
CA HIS B 194 12.98 17.03 18.54
C HIS B 194 14.05 16.70 17.52
N TRP B 195 14.23 15.42 17.28
CA TRP B 195 15.41 14.92 16.55
C TRP B 195 14.99 13.74 15.67
N ARG B 196 15.27 13.87 14.38
CA ARG B 196 15.15 12.78 13.40
C ARG B 196 16.19 11.72 13.76
N ASN B 197 15.75 10.46 13.81
CA ASN B 197 16.58 9.27 14.16
C ASN B 197 16.91 8.46 12.91
N PHE B 198 16.03 8.45 11.91
CA PHE B 198 16.06 7.41 10.84
C PHE B 198 15.81 8.05 9.46
N ALA B 199 16.06 7.28 8.39
CA ALA B 199 16.04 7.71 6.98
C ALA B 199 14.68 8.34 6.60
N ASP B 200 14.70 9.37 5.75
CA ASP B 200 13.51 10.10 5.25
C ASP B 200 12.39 9.11 4.90
N ILE B 201 11.17 9.34 5.38
CA ILE B 201 10.00 8.53 4.98
C ILE B 201 9.74 8.74 3.47
N ASP B 202 9.10 7.79 2.84
CA ASP B 202 8.44 8.04 1.53
C ASP B 202 7.02 7.44 1.57
N ASP B 203 6.28 7.55 0.47
CA ASP B 203 4.84 7.22 0.40
C ASP B 203 4.77 5.73 0.13
N SER B 204 5.09 4.91 1.13
CA SER B 204 5.07 3.43 1.03
C SER B 204 4.93 2.77 2.40
N TRP B 205 4.16 1.69 2.42
CA TRP B 205 4.06 0.72 3.54
C TRP B 205 5.46 0.21 3.91
N LYS B 206 6.33 -0.05 2.94
CA LYS B 206 7.71 -0.54 3.21
C LYS B 206 8.42 0.45 4.11
N SER B 207 8.23 1.74 3.87
CA SER B 207 8.86 2.86 4.61
C SER B 207 8.29 2.92 6.03
N ILE B 208 6.98 2.75 6.19
CA ILE B 208 6.35 2.71 7.54
C ILE B 208 6.94 1.54 8.32
N LYS B 209 6.95 0.35 7.74
CA LYS B 209 7.44 -0.89 8.38
C LYS B 209 8.89 -0.67 8.83
N SER B 210 9.70 -0.08 7.96
CA SER B 210 11.15 0.08 8.22
C SER B 210 11.33 1.09 9.36
N ILE B 211 10.50 2.13 9.45
CA ILE B 211 10.55 3.09 10.58
C ILE B 211 10.11 2.40 11.88
N LEU B 212 9.02 1.61 11.87
CA LEU B 212 8.53 0.94 13.10
C LEU B 212 9.58 -0.10 13.56
N ASP B 213 10.14 -0.87 12.64
CA ASP B 213 11.13 -1.94 12.96
C ASP B 213 12.42 -1.33 13.50
N TRP B 214 12.87 -0.19 12.99
CA TRP B 214 14.08 0.49 13.52
C TRP B 214 13.77 0.98 14.94
N THR B 215 12.60 1.59 15.14
CA THR B 215 12.16 2.17 16.44
C THR B 215 12.13 1.08 17.51
N SER B 216 11.46 -0.03 17.24
CA SER B 216 11.27 -1.14 18.21
C SER B 216 12.63 -1.84 18.45
N PHE B 217 13.45 -2.02 17.42
CA PHE B 217 14.80 -2.62 17.56
C PHE B 217 15.64 -1.79 18.55
N ASN B 218 15.48 -0.47 18.47
CA ASN B 218 16.34 0.53 19.15
C ASN B 218 15.64 1.13 20.37
N GLN B 219 14.51 0.56 20.83
CA GLN B 219 13.60 1.28 21.78
C GLN B 219 14.24 1.49 23.17
N GLU B 220 15.06 0.55 23.65
CA GLU B 220 15.78 0.67 24.94
C GLU B 220 16.70 1.92 24.90
N ARG B 221 17.20 2.29 23.73
CA ARG B 221 18.13 3.44 23.57
C ARG B 221 17.38 4.78 23.49
N ILE B 222 16.12 4.83 23.02
CA ILE B 222 15.50 6.15 22.63
C ILE B 222 14.22 6.45 23.42
N VAL B 223 13.50 5.45 23.95
CA VAL B 223 12.14 5.68 24.51
C VAL B 223 12.18 6.61 25.72
N ASP B 224 13.05 6.35 26.70
CA ASP B 224 13.04 7.08 28.01
C ASP B 224 13.55 8.52 27.86
N VAL B 225 14.35 8.84 26.83
CA VAL B 225 14.93 10.21 26.68
C VAL B 225 13.85 11.17 26.19
N ALA B 226 12.75 10.66 25.65
CA ALA B 226 11.63 11.45 25.11
C ALA B 226 10.78 11.95 26.27
N GLY B 227 10.14 13.10 26.10
CA GLY B 227 9.34 13.75 27.14
C GLY B 227 9.17 15.23 26.81
N PRO B 228 8.35 15.96 27.58
CA PRO B 228 8.09 17.36 27.27
C PRO B 228 9.40 18.12 26.99
N GLY B 229 9.44 18.82 25.85
CA GLY B 229 10.58 19.66 25.43
C GLY B 229 11.53 18.93 24.50
N GLY B 230 11.43 17.60 24.39
CA GLY B 230 12.32 16.77 23.58
C GLY B 230 11.64 15.47 23.13
N TRP B 231 11.47 15.32 21.82
CA TRP B 231 10.77 14.14 21.23
C TRP B 231 11.64 13.45 20.19
N ASN B 232 11.45 12.13 20.11
CA ASN B 232 11.89 11.33 18.95
C ASN B 232 11.02 11.72 17.73
N ASP B 233 11.66 11.97 16.58
CA ASP B 233 10.97 12.33 15.31
C ASP B 233 11.13 11.20 14.31
N PRO B 234 10.07 10.38 14.11
CA PRO B 234 10.05 9.30 13.11
C PRO B 234 9.68 9.73 11.69
N ASP B 235 9.69 11.04 11.43
CA ASP B 235 9.44 11.71 10.13
C ASP B 235 7.92 11.88 9.89
N MET B 236 7.57 12.43 8.74
CA MET B 236 6.27 13.10 8.48
C MET B 236 5.15 12.06 8.38
N LEU B 237 3.92 12.47 8.70
CA LEU B 237 2.68 11.73 8.32
C LEU B 237 2.48 11.86 6.81
N VAL B 238 2.20 10.75 6.14
CA VAL B 238 2.03 10.72 4.66
C VAL B 238 0.61 10.26 4.35
N ILE B 239 -0.27 10.33 5.34
CA ILE B 239 -1.71 9.99 5.16
C ILE B 239 -2.31 11.07 4.24
N GLY B 240 -3.14 10.64 3.30
CA GLY B 240 -3.82 11.53 2.35
C GLY B 240 -3.15 11.55 0.99
N ASN B 241 -2.02 10.86 0.82
CA ASN B 241 -1.27 10.78 -0.46
C ASN B 241 -1.70 9.48 -1.18
N PHE B 242 -0.77 8.66 -1.69
CA PHE B 242 -1.07 7.68 -2.78
C PHE B 242 -0.67 6.26 -2.44
N GLY B 243 0.30 6.07 -1.53
CA GLY B 243 1.07 4.83 -1.38
C GLY B 243 0.51 3.88 -0.33
N LEU B 244 -0.30 4.38 0.61
CA LEU B 244 -0.78 3.62 1.77
C LEU B 244 -2.25 3.26 1.56
N SER B 245 -2.60 2.00 1.78
CA SER B 245 -4.00 1.54 1.93
C SER B 245 -4.58 2.17 3.19
N TRP B 246 -5.91 2.21 3.27
CA TRP B 246 -6.65 2.70 4.45
C TRP B 246 -6.04 2.08 5.72
N ASN B 247 -5.78 0.77 5.71
CA ASN B 247 -5.27 0.05 6.88
C ASN B 247 -3.86 0.55 7.23
N GLN B 248 -3.02 0.74 6.23
CA GLN B 248 -1.63 1.19 6.46
C GLN B 248 -1.65 2.64 6.96
N GLN B 249 -2.67 3.42 6.58
CA GLN B 249 -2.83 4.82 7.03
C GLN B 249 -3.19 4.81 8.53
N VAL B 250 -4.17 3.98 8.91
CA VAL B 250 -4.57 3.74 10.32
C VAL B 250 -3.34 3.31 11.12
N THR B 251 -2.52 2.42 10.60
CA THR B 251 -1.28 1.98 11.28
C THR B 251 -0.39 3.22 11.51
N GLN B 252 -0.22 4.10 10.53
CA GLN B 252 0.72 5.22 10.76
C GLN B 252 0.19 6.15 11.86
N MET B 253 -1.08 6.55 11.78
CA MET B 253 -1.72 7.47 12.76
C MET B 253 -1.68 6.82 14.15
N ALA B 254 -2.14 5.57 14.29
CA ALA B 254 -2.14 4.81 15.56
C ALA B 254 -0.74 4.87 16.18
N LEU B 255 0.28 4.55 15.41
CA LEU B 255 1.62 4.32 16.00
C LEU B 255 2.41 5.61 16.14
N TRP B 256 2.08 6.65 15.39
CA TRP B 256 2.67 7.98 15.63
C TRP B 256 2.13 8.52 16.97
N ALA B 257 0.90 8.15 17.36
CA ALA B 257 0.30 8.50 18.67
C ALA B 257 1.00 7.69 19.77
N ILE B 258 1.20 6.39 19.58
CA ILE B 258 1.95 5.52 20.52
C ILE B 258 3.34 6.12 20.75
N MET B 259 4.03 6.62 19.71
CA MET B 259 5.47 6.97 19.81
C MET B 259 5.69 8.40 20.30
N ALA B 260 4.63 9.14 20.61
CA ALA B 260 4.71 10.57 20.99
C ALA B 260 5.53 11.29 19.93
N ALA B 261 5.25 10.98 18.66
CA ALA B 261 5.87 11.60 17.48
C ALA B 261 5.33 13.01 17.31
N PRO B 262 6.16 13.97 16.84
CA PRO B 262 5.60 15.16 16.24
C PRO B 262 4.73 14.67 15.06
N LEU B 263 3.65 15.40 14.77
CA LEU B 263 2.68 15.11 13.69
C LEU B 263 2.83 16.23 12.67
N PHE B 264 3.76 16.05 11.73
CA PHE B 264 3.90 16.91 10.53
C PHE B 264 3.28 16.18 9.33
N MET B 265 2.04 16.53 8.98
CA MET B 265 1.42 16.13 7.70
C MET B 265 2.32 16.63 6.56
N SER B 266 2.57 15.79 5.57
CA SER B 266 3.13 16.19 4.25
C SER B 266 2.22 15.59 3.20
N ASN B 267 1.29 16.39 2.71
CA ASN B 267 0.18 15.97 1.83
C ASN B 267 -0.26 17.22 1.07
N ASP B 268 -1.30 17.12 0.23
CA ASP B 268 -1.94 18.31 -0.39
C ASP B 268 -3.32 18.52 0.24
N LEU B 269 -3.44 19.51 1.12
CA LEU B 269 -4.70 19.85 1.84
C LEU B 269 -5.80 20.26 0.85
N ARG B 270 -5.45 20.56 -0.41
CA ARG B 270 -6.40 20.96 -1.48
C ARG B 270 -7.07 19.75 -2.10
N HIS B 271 -6.42 18.58 -2.04
CA HIS B 271 -6.86 17.29 -2.64
C HIS B 271 -6.62 16.19 -1.62
N ILE B 272 -7.57 16.01 -0.71
CA ILE B 272 -7.48 14.99 0.36
C ILE B 272 -8.87 14.40 0.55
N SER B 273 -8.98 13.06 0.55
CA SER B 273 -10.23 12.29 0.75
C SER B 273 -10.82 12.63 2.11
N PRO B 274 -12.16 12.54 2.26
CA PRO B 274 -12.80 12.73 3.57
C PRO B 274 -12.29 11.72 4.62
N GLN B 275 -12.08 10.46 4.20
CA GLN B 275 -11.57 9.36 5.09
C GLN B 275 -10.22 9.78 5.68
N ALA B 276 -9.25 10.21 4.85
CA ALA B 276 -7.88 10.58 5.31
C ALA B 276 -7.98 11.78 6.25
N LYS B 277 -8.85 12.73 5.91
CA LYS B 277 -9.02 13.99 6.68
C LYS B 277 -9.54 13.63 8.08
N ALA B 278 -10.60 12.82 8.15
CA ALA B 278 -11.24 12.39 9.41
C ALA B 278 -10.19 11.67 10.27
N LEU B 279 -9.37 10.82 9.64
CA LEU B 279 -8.32 10.09 10.38
C LEU B 279 -7.29 11.10 10.94
N LEU B 280 -6.76 11.99 10.11
CA LEU B 280 -5.75 12.98 10.58
C LEU B 280 -6.32 13.95 11.63
N GLN B 281 -7.65 14.18 11.62
CA GLN B 281 -8.34 15.14 12.52
C GLN B 281 -9.06 14.39 13.67
N ASP B 282 -8.81 13.09 13.84
CA ASP B 282 -9.45 12.26 14.89
C ASP B 282 -9.01 12.76 16.29
N LYS B 283 -9.91 13.48 16.95
CA LYS B 283 -9.75 14.19 18.26
C LYS B 283 -9.14 13.26 19.30
N ASP B 284 -9.63 12.02 19.36
CA ASP B 284 -9.27 11.00 20.39
C ASP B 284 -7.87 10.44 20.18
N VAL B 285 -7.44 10.26 18.93
CA VAL B 285 -6.09 9.73 18.61
C VAL B 285 -5.08 10.86 18.77
N ILE B 286 -5.42 12.09 18.35
CA ILE B 286 -4.58 13.29 18.56
C ILE B 286 -4.39 13.45 20.07
N ALA B 287 -5.46 13.33 20.87
CA ALA B 287 -5.42 13.41 22.34
C ALA B 287 -4.42 12.39 22.88
N ILE B 288 -4.37 11.16 22.36
CA ILE B 288 -3.30 10.21 22.81
C ILE B 288 -1.91 10.78 22.45
N ASN B 289 -1.71 11.22 21.22
CA ASN B 289 -0.41 11.76 20.79
C ASN B 289 -0.03 12.90 21.75
N GLN B 290 -1.00 13.74 22.14
CA GLN B 290 -0.75 15.04 22.80
C GLN B 290 -0.85 14.90 24.33
N ASP B 291 -0.79 13.68 24.85
CA ASP B 291 -1.06 13.38 26.29
C ASP B 291 -0.03 14.11 27.16
N PRO B 292 -0.49 14.94 28.13
CA PRO B 292 0.40 15.84 28.85
C PRO B 292 1.51 15.12 29.65
N LEU B 293 1.28 13.87 30.08
CA LEU B 293 2.34 13.04 30.71
C LEU B 293 3.58 13.00 29.80
N GLY B 294 3.40 12.82 28.49
CA GLY B 294 4.51 12.94 27.53
C GLY B 294 5.52 11.81 27.69
N LYS B 295 5.07 10.60 28.02
CA LYS B 295 5.93 9.39 28.03
C LYS B 295 5.74 8.58 26.73
N GLN B 296 6.82 8.33 26.00
CA GLN B 296 6.78 7.63 24.69
C GLN B 296 6.40 6.16 24.94
N GLY B 297 5.56 5.59 24.09
CA GLY B 297 5.20 4.17 24.20
C GLY B 297 6.28 3.30 23.59
N TYR B 298 5.99 2.02 23.38
CA TYR B 298 7.02 1.01 23.03
C TYR B 298 6.33 -0.27 22.59
N GLN B 299 7.11 -1.17 22.02
CA GLN B 299 6.62 -2.48 21.58
C GLN B 299 6.72 -3.44 22.77
N LEU B 300 5.57 -3.97 23.18
CA LEU B 300 5.43 -4.92 24.31
C LEU B 300 5.74 -6.34 23.84
N ARG B 301 5.28 -6.71 22.66
CA ARG B 301 5.32 -8.12 22.18
C ARG B 301 5.43 -8.14 20.66
N GLN B 302 6.08 -9.17 20.14
CA GLN B 302 6.26 -9.45 18.69
C GLN B 302 6.31 -10.97 18.53
N GLY B 303 5.69 -11.48 17.46
CA GLY B 303 5.61 -12.93 17.20
C GLY B 303 4.40 -13.26 16.38
N ASP B 304 4.53 -14.25 15.50
CA ASP B 304 3.43 -14.79 14.65
C ASP B 304 2.88 -13.67 13.77
N ASN B 305 3.77 -12.80 13.26
CA ASN B 305 3.43 -11.63 12.42
C ASN B 305 2.40 -10.74 13.13
N PHE B 306 2.43 -10.70 14.47
CA PHE B 306 1.67 -9.75 15.31
C PHE B 306 2.65 -8.84 16.06
N GLU B 307 2.26 -7.58 16.25
CA GLU B 307 2.93 -6.68 17.21
C GLU B 307 1.91 -6.10 18.16
N VAL B 308 2.31 -5.99 19.43
CA VAL B 308 1.58 -5.25 20.50
C VAL B 308 2.48 -4.12 21.00
N TRP B 309 2.01 -2.90 20.79
CA TRP B 309 2.59 -1.68 21.39
C TRP B 309 1.61 -1.11 22.43
N GLU B 310 2.14 -0.40 23.42
CA GLU B 310 1.32 0.33 24.41
C GLU B 310 2.04 1.62 24.79
N ARG B 311 1.27 2.58 25.29
CA ARG B 311 1.80 3.87 25.78
C ARG B 311 1.05 4.27 27.05
N PRO B 312 1.80 4.62 28.12
CA PRO B 312 1.20 5.15 29.35
C PRO B 312 0.70 6.58 29.13
N LEU B 313 -0.53 6.87 29.55
CA LEU B 313 -1.20 8.21 29.48
C LEU B 313 -1.43 8.74 30.90
N SER B 314 -1.64 10.05 31.06
CA SER B 314 -1.91 10.65 32.39
C SER B 314 -3.18 10.02 32.97
N GLY B 315 -3.19 9.82 34.28
CA GLY B 315 -4.40 9.39 34.97
C GLY B 315 -4.65 7.92 34.81
N LEU B 316 -3.58 7.13 34.77
CA LEU B 316 -3.63 5.63 34.82
C LEU B 316 -4.33 5.05 33.58
N ALA B 317 -4.40 5.80 32.49
CA ALA B 317 -4.92 5.33 31.20
C ALA B 317 -3.76 4.78 30.34
N TRP B 318 -4.06 3.82 29.47
CA TRP B 318 -3.10 3.29 28.48
C TRP B 318 -3.75 3.27 27.09
N ALA B 319 -2.94 3.60 26.08
CA ALA B 319 -3.22 3.31 24.66
C ALA B 319 -2.53 1.99 24.33
N VAL B 320 -3.24 1.11 23.64
CA VAL B 320 -2.72 -0.19 23.13
C VAL B 320 -2.96 -0.26 21.62
N ALA B 321 -1.92 -0.64 20.88
CA ALA B 321 -1.96 -0.83 19.41
C ALA B 321 -1.66 -2.29 19.12
N MET B 322 -2.51 -2.95 18.34
CA MET B 322 -2.24 -4.31 17.82
C MET B 322 -2.08 -4.26 16.30
N ILE B 323 -0.89 -4.60 15.80
CA ILE B 323 -0.55 -4.58 14.36
C ILE B 323 -0.56 -6.03 13.87
N ASN B 324 -1.17 -6.25 12.70
CA ASN B 324 -1.05 -7.52 11.93
C ASN B 324 -0.03 -7.28 10.80
N ARG B 325 1.13 -7.95 10.87
CA ARG B 325 2.23 -7.79 9.90
C ARG B 325 2.14 -8.87 8.81
N GLN B 326 1.10 -9.72 8.84
CA GLN B 326 0.87 -10.73 7.79
C GLN B 326 0.18 -10.02 6.62
N GLU B 327 0.80 -10.06 5.43
CA GLU B 327 0.36 -9.30 4.25
C GLU B 327 -0.36 -10.26 3.28
N ILE B 328 -1.18 -11.17 3.82
CA ILE B 328 -1.96 -12.19 3.07
C ILE B 328 -3.14 -12.57 3.95
N GLY B 329 -4.22 -13.04 3.35
CA GLY B 329 -5.38 -13.56 4.08
C GLY B 329 -6.31 -12.45 4.54
N GLY B 330 -7.01 -12.72 5.65
CA GLY B 330 -8.11 -11.91 6.19
C GLY B 330 -7.78 -11.38 7.59
N PRO B 331 -8.75 -10.74 8.27
CA PRO B 331 -8.55 -10.28 9.63
C PRO B 331 -8.13 -11.47 10.53
N ARG B 332 -7.10 -11.32 11.34
CA ARG B 332 -6.62 -12.38 12.26
C ARG B 332 -7.08 -12.05 13.69
N SER B 333 -7.57 -13.07 14.40
CA SER B 333 -7.91 -13.01 15.84
C SER B 333 -6.63 -12.82 16.66
N TYR B 334 -6.65 -11.92 17.64
CA TYR B 334 -5.56 -11.83 18.65
C TYR B 334 -6.22 -11.71 20.02
N THR B 335 -5.79 -12.54 20.98
CA THR B 335 -6.33 -12.49 22.37
C THR B 335 -5.17 -12.25 23.34
N ILE B 336 -5.42 -11.45 24.37
CA ILE B 336 -4.40 -11.13 25.42
C ILE B 336 -5.12 -10.93 26.75
N ALA B 337 -4.50 -11.45 27.81
CA ALA B 337 -4.88 -11.17 29.21
C ALA B 337 -4.72 -9.67 29.42
N VAL B 338 -5.82 -9.04 29.79
CA VAL B 338 -5.89 -7.60 30.12
C VAL B 338 -4.84 -7.27 31.21
N ALA B 339 -4.52 -8.25 32.07
CA ALA B 339 -3.47 -8.18 33.12
C ALA B 339 -2.11 -7.88 32.50
N SER B 340 -1.83 -8.38 31.29
CA SER B 340 -0.51 -8.24 30.62
C SER B 340 -0.33 -6.81 30.09
N LEU B 341 -1.40 -6.04 29.94
CA LEU B 341 -1.35 -4.67 29.39
C LEU B 341 -1.12 -3.68 30.54
N GLY B 342 -0.57 -2.51 30.20
CA GLY B 342 -0.33 -1.37 31.10
C GLY B 342 0.45 -1.78 32.35
N LYS B 343 1.37 -2.74 32.22
CA LYS B 343 2.20 -3.31 33.31
C LYS B 343 1.31 -3.84 34.44
N GLY B 344 0.13 -4.40 34.11
CA GLY B 344 -0.85 -4.92 35.08
C GLY B 344 -1.54 -3.84 35.88
N VAL B 345 -1.21 -2.57 35.65
CA VAL B 345 -1.82 -1.39 36.31
C VAL B 345 -3.15 -1.05 35.64
N ALA B 346 -3.17 -1.06 34.30
CA ALA B 346 -4.25 -0.45 33.49
C ALA B 346 -5.62 -0.96 33.95
N CYS B 347 -5.76 -2.28 34.16
CA CYS B 347 -7.08 -2.92 34.42
C CYS B 347 -7.15 -3.47 35.86
N ASN B 348 -6.37 -2.91 36.80
CA ASN B 348 -6.40 -3.28 38.25
C ASN B 348 -7.19 -2.23 39.02
N PRO B 349 -8.42 -2.51 39.51
CA PRO B 349 -9.07 -3.81 39.40
C PRO B 349 -9.91 -4.00 38.12
N ALA B 350 -10.21 -2.89 37.43
CA ALA B 350 -10.94 -2.92 36.15
C ALA B 350 -10.42 -1.83 35.18
N CYS B 351 -10.58 -2.16 33.90
CA CYS B 351 -10.45 -1.33 32.66
C CYS B 351 -11.83 -1.00 32.12
N PHE B 352 -12.06 0.22 31.66
CA PHE B 352 -13.05 0.48 30.59
C PHE B 352 -12.29 0.69 29.27
N ILE B 353 -12.54 -0.18 28.29
CA ILE B 353 -11.83 -0.23 26.98
C ILE B 353 -12.74 0.33 25.88
N THR B 354 -12.26 1.38 25.22
CA THR B 354 -12.82 1.99 24.00
C THR B 354 -11.87 1.71 22.82
N GLN B 355 -12.36 1.05 21.75
CA GLN B 355 -11.65 0.98 20.43
C GLN B 355 -11.71 2.38 19.81
N LEU B 356 -10.57 2.90 19.34
CA LEU B 356 -10.50 4.20 18.62
C LEU B 356 -10.29 3.95 17.11
N LEU B 357 -9.51 2.92 16.75
CA LEU B 357 -9.20 2.59 15.34
C LEU B 357 -9.32 1.08 15.13
N PRO B 358 -9.74 0.61 13.93
CA PRO B 358 -10.04 1.47 12.79
C PRO B 358 -11.34 2.31 12.93
N VAL B 359 -12.25 1.90 13.81
CA VAL B 359 -13.48 2.69 14.13
C VAL B 359 -13.60 2.83 15.65
N LYS B 360 -14.40 3.79 16.10
CA LYS B 360 -14.59 4.08 17.53
C LYS B 360 -15.77 3.25 18.05
N ARG B 361 -15.50 2.37 19.01
CA ARG B 361 -16.51 1.47 19.61
C ARG B 361 -16.21 1.29 21.11
N LYS B 362 -17.16 1.67 21.97
CA LYS B 362 -17.13 1.30 23.41
C LYS B 362 -17.15 -0.22 23.52
N LEU B 363 -16.14 -0.85 24.13
CA LEU B 363 -16.09 -2.33 24.33
C LEU B 363 -16.52 -2.72 25.76
N GLY B 364 -16.50 -1.81 26.73
CA GLY B 364 -17.03 -2.04 28.09
C GLY B 364 -15.97 -2.31 29.15
N PHE B 365 -16.40 -2.79 30.33
CA PHE B 365 -15.57 -3.02 31.54
C PHE B 365 -14.87 -4.37 31.41
N TYR B 366 -13.56 -4.39 31.59
CA TYR B 366 -12.73 -5.62 31.69
C TYR B 366 -12.15 -5.69 33.10
N GLU B 367 -12.46 -6.78 33.82
CA GLU B 367 -11.88 -7.16 35.13
C GLU B 367 -10.39 -7.35 34.94
N TRP B 368 -9.56 -7.11 35.96
CA TRP B 368 -8.12 -7.47 35.93
C TRP B 368 -7.92 -8.88 35.38
N THR B 369 -8.84 -9.83 35.62
CA THR B 369 -8.67 -11.25 35.19
C THR B 369 -9.23 -11.51 33.78
N SER B 370 -9.82 -10.51 33.10
CA SER B 370 -10.42 -10.63 31.74
C SER B 370 -9.40 -10.92 30.62
N ARG B 371 -9.89 -11.46 29.50
CA ARG B 371 -9.18 -11.50 28.18
C ARG B 371 -9.77 -10.47 27.23
N LEU B 372 -8.92 -9.75 26.50
CA LEU B 372 -9.29 -8.87 25.37
C LEU B 372 -9.10 -9.67 24.08
N ARG B 373 -10.18 -9.88 23.32
CA ARG B 373 -10.21 -10.60 22.02
C ARG B 373 -10.50 -9.59 20.92
N SER B 374 -9.63 -9.45 19.92
CA SER B 374 -9.86 -8.58 18.73
C SER B 374 -9.48 -9.28 17.43
N HIS B 375 -9.90 -8.66 16.32
CA HIS B 375 -9.59 -9.07 14.93
C HIS B 375 -8.86 -7.90 14.28
N ILE B 376 -7.75 -8.17 13.60
CA ILE B 376 -6.87 -7.10 13.04
C ILE B 376 -6.65 -7.35 11.55
N ASN B 377 -6.96 -6.36 10.73
CA ASN B 377 -6.78 -6.40 9.25
C ASN B 377 -5.29 -6.52 8.92
N PRO B 378 -4.93 -7.30 7.88
CA PRO B 378 -3.56 -7.29 7.35
C PRO B 378 -3.05 -5.86 7.08
N THR B 379 -1.86 -5.55 7.64
CA THR B 379 -1.10 -4.27 7.61
C THR B 379 -1.85 -3.17 8.36
N GLY B 380 -2.96 -3.53 9.00
CA GLY B 380 -3.75 -2.63 9.86
C GLY B 380 -3.37 -2.74 11.33
N THR B 381 -3.90 -1.83 12.12
CA THR B 381 -3.73 -1.73 13.59
C THR B 381 -5.09 -1.55 14.26
N VAL B 382 -5.33 -2.27 15.34
CA VAL B 382 -6.41 -1.89 16.29
C VAL B 382 -5.79 -1.03 17.40
N LEU B 383 -6.33 0.17 17.58
CA LEU B 383 -5.91 1.10 18.65
C LEU B 383 -6.99 1.19 19.71
N LEU B 384 -6.63 0.89 20.96
CA LEU B 384 -7.52 0.85 22.15
C LEU B 384 -7.05 1.87 23.18
N GLN B 385 -8.00 2.47 23.91
CA GLN B 385 -7.74 3.27 25.13
C GLN B 385 -8.32 2.51 26.31
N LEU B 386 -7.46 2.22 27.27
CA LEU B 386 -7.77 1.53 28.56
C LEU B 386 -7.84 2.60 29.66
N GLU B 387 -9.02 2.78 30.27
CA GLU B 387 -9.24 3.73 31.39
C GLU B 387 -9.36 2.91 32.67
N ASN B 388 -8.40 3.05 33.59
CA ASN B 388 -8.43 2.41 34.94
C ASN B 388 -9.69 2.86 35.71
N THR B 389 -10.43 1.93 36.28
CA THR B 389 -11.74 2.24 36.93
C THR B 389 -11.95 1.35 38.16
N MET B 390 -12.69 1.88 39.13
CA MET B 390 -13.10 1.21 40.39
C MET B 390 -14.36 0.40 40.11
N GLN B 391 -15.30 1.00 39.33
CA GLN B 391 -16.59 0.37 38.91
C GLN B 391 -16.30 -1.00 38.27
N MET B 392 -17.09 -2.02 38.61
CA MET B 392 -17.10 -3.36 37.98
C MET B 392 -15.70 -3.99 38.08
C1 NAG C . -10.68 -32.70 -26.81
C2 NAG C . -11.66 -31.56 -26.76
C3 NAG C . -12.12 -31.08 -28.13
C4 NAG C . -10.92 -30.82 -29.01
C5 NAG C . -10.02 -32.05 -29.01
C6 NAG C . -8.84 -31.88 -29.95
C7 NAG C . -12.90 -31.67 -24.69
C8 NAG C . -14.09 -32.29 -23.99
N2 NAG C . -12.77 -32.00 -25.99
O3 NAG C . -12.85 -29.87 -27.97
O4 NAG C . -11.38 -30.57 -30.32
O5 NAG C . -9.58 -32.34 -27.67
O6 NAG C . -7.99 -30.84 -29.48
O7 NAG C . -12.13 -30.93 -24.11
C1 NAG C . -11.43 -29.20 -30.74
C2 NAG C . -11.36 -29.19 -32.26
C3 NAG C . -11.46 -27.75 -32.72
C4 NAG C . -12.80 -27.14 -32.31
C5 NAG C . -12.81 -27.20 -30.77
C6 NAG C . -14.03 -26.68 -30.02
C7 NAG C . -10.13 -31.10 -33.32
C8 NAG C . -8.80 -31.61 -33.77
N2 NAG C . -10.16 -29.86 -32.78
O3 NAG C . -11.28 -27.65 -34.13
O4 NAG C . -12.81 -25.85 -32.94
O5 NAG C . -12.63 -28.57 -30.33
O6 NAG C . -15.15 -27.58 -30.11
O7 NAG C . -11.11 -31.83 -33.46
C1 BMA C . -14.09 -25.19 -32.96
C2 BMA C . -13.98 -23.80 -33.59
C3 BMA C . -15.32 -23.08 -33.42
C4 BMA C . -16.49 -23.94 -33.92
C5 BMA C . -16.44 -25.37 -33.37
C6 BMA C . -17.56 -26.29 -33.90
O2 BMA C . -13.60 -23.92 -34.97
O3 BMA C . -15.29 -21.83 -34.11
O4 BMA C . -17.69 -23.28 -33.54
O5 BMA C . -15.13 -25.92 -33.62
O6 BMA C . -17.22 -26.99 -35.12
C1 NAG D . 5.46 -39.94 -5.12
C2 NAG D . 6.47 -39.58 -6.19
C3 NAG D . 6.98 -40.90 -6.78
C4 NAG D . 7.60 -41.81 -5.71
C5 NAG D . 6.53 -42.10 -4.64
C6 NAG D . 7.00 -43.02 -3.49
C7 NAG D . 6.22 -37.51 -7.48
C8 NAG D . 5.67 -36.94 -8.75
N2 NAG D . 5.90 -38.78 -7.26
O3 NAG D . 7.90 -40.61 -7.84
O4 NAG D . 8.05 -43.02 -6.33
O5 NAG D . 6.05 -40.84 -4.16
O6 NAG D . 7.87 -42.40 -2.52
O7 NAG D . 6.94 -36.86 -6.74
C1 NAG D . 9.50 -43.15 -6.27
C2 NAG D . 9.87 -44.59 -6.64
C3 NAG D . 11.39 -44.77 -6.55
C4 NAG D . 12.13 -43.69 -7.34
C5 NAG D . 11.61 -42.29 -6.98
C6 NAG D . 12.19 -41.21 -7.89
C7 NAG D . 7.96 -46.08 -6.06
C8 NAG D . 7.26 -46.78 -4.93
N2 NAG D . 9.13 -45.49 -5.75
O3 NAG D . 11.77 -46.02 -7.11
O4 NAG D . 13.54 -43.81 -7.03
O5 NAG D . 10.19 -42.23 -7.12
O6 NAG D . 12.41 -40.01 -7.14
O7 NAG D . 7.45 -46.04 -7.16
C1 BMA D . 14.36 -44.18 -8.16
C2 BMA D . 15.55 -43.21 -8.32
C3 BMA D . 16.49 -43.67 -9.43
C4 BMA D . 16.91 -45.11 -9.16
C5 BMA D . 15.65 -45.98 -9.12
C6 BMA D . 15.98 -47.46 -8.91
O2 BMA D . 16.25 -43.08 -7.07
O3 BMA D . 17.63 -42.81 -9.53
O4 BMA D . 17.82 -45.55 -10.17
O5 BMA D . 14.79 -45.55 -8.06
O6 BMA D . 14.77 -48.14 -8.58
C1 NAG E . 8.59 -26.70 -27.94
C2 NAG E . 9.66 -27.29 -28.86
C3 NAG E . 9.09 -27.45 -30.25
C4 NAG E . 7.71 -28.06 -30.26
C5 NAG E . 6.75 -27.47 -29.23
C6 NAG E . 5.42 -28.24 -29.23
C7 NAG E . 11.96 -26.60 -28.41
C8 NAG E . 12.97 -25.50 -28.61
N2 NAG E . 10.78 -26.37 -28.96
O3 NAG E . 9.92 -28.38 -30.93
O4 NAG E . 7.22 -27.69 -31.56
O5 NAG E . 7.39 -27.50 -27.95
O6 NAG E . 5.57 -29.44 -28.46
O7 NAG E . 12.21 -27.62 -27.78
C1 NAG E . 6.97 -28.87 -32.32
C2 NAG E . 5.90 -28.60 -33.35
C3 NAG E . 5.69 -29.85 -34.21
C4 NAG E . 6.98 -30.52 -34.65
C5 NAG E . 8.00 -30.62 -33.53
C6 NAG E . 9.33 -31.19 -34.04
C7 NAG E . 4.12 -27.02 -32.90
C8 NAG E . 2.64 -26.81 -32.72
N2 NAG E . 4.59 -28.27 -32.74
O3 NAG E . 5.04 -29.53 -35.47
O4 NAG E . 6.52 -31.83 -35.02
O5 NAG E . 8.19 -29.32 -32.94
O6 NAG E . 9.81 -32.04 -32.99
O7 NAG E . 4.83 -26.10 -33.28
C1 NAG F . 17.41 30.22 26.34
C2 NAG F . 15.90 30.26 26.34
C3 NAG F . 15.37 30.38 27.76
C4 NAG F . 15.98 29.31 28.64
C5 NAG F . 17.51 29.37 28.55
C6 NAG F . 18.25 28.34 29.41
C7 NAG F . 14.82 31.21 24.36
C8 NAG F . 13.84 32.25 23.90
N2 NAG F . 15.30 31.36 25.60
O3 NAG F . 13.94 30.26 27.71
O4 NAG F . 15.55 29.57 29.97
O5 NAG F . 17.89 29.16 27.18
O6 NAG F . 17.41 27.22 29.68
O7 NAG F . 15.11 30.21 23.68
C1 NAG F . 14.63 28.64 30.55
C2 NAG F . 14.64 28.83 32.09
C3 NAG F . 13.62 27.94 32.75
C4 NAG F . 12.29 28.07 32.05
C5 NAG F . 12.41 27.87 30.54
C6 NAG F . 11.06 28.02 29.86
C7 NAG F . 16.87 29.42 32.87
C8 NAG F . 18.22 28.89 33.26
N2 NAG F . 15.94 28.50 32.64
O3 NAG F . 13.45 28.37 34.11
O4 NAG F . 11.44 27.06 32.57
O5 NAG F . 13.33 28.82 30.02
O6 NAG F . 10.48 29.27 30.21
O7 NAG F . 16.65 30.62 32.74
C1 BMA F . 10.35 27.70 33.25
C2 BMA F . 9.19 26.73 33.42
C3 BMA F . 8.01 27.58 33.89
C4 BMA F . 8.39 28.43 35.10
C5 BMA F . 9.80 29.06 35.06
C6 BMA F . 10.26 29.54 36.45
O2 BMA F . 9.47 25.68 34.36
O3 BMA F . 6.87 26.75 34.20
O4 BMA F . 7.42 29.49 35.15
O5 BMA F . 10.78 28.19 34.52
O6 BMA F . 10.49 28.44 37.34
C1 MAN F . 6.07 26.48 33.02
C2 MAN F . 4.66 27.05 33.21
C3 MAN F . 3.76 26.19 34.08
C4 MAN F . 4.01 24.70 33.89
C5 MAN F . 5.47 24.31 33.72
C6 MAN F . 5.61 22.83 33.36
O2 MAN F . 4.01 27.25 31.94
O3 MAN F . 2.38 26.48 33.76
O4 MAN F . 3.53 24.05 35.05
O5 MAN F . 6.07 25.09 32.68
O6 MAN F . 6.98 22.44 33.49
C1 NAG G . 26.45 11.96 26.94
C2 NAG G . 27.76 11.81 27.71
C3 NAG G . 27.46 12.02 29.19
C4 NAG G . 26.87 13.41 29.35
C5 NAG G . 25.66 13.63 28.45
C6 NAG G . 25.22 15.08 28.41
C7 NAG G . 27.99 9.36 27.87
C8 NAG G . 28.84 8.18 27.50
N2 NAG G . 28.46 10.55 27.46
O3 NAG G . 28.65 11.85 29.97
O4 NAG G . 26.48 13.56 30.72
O5 NAG G . 25.99 13.30 27.11
O6 NAG G . 26.29 15.89 27.85
O7 NAG G . 26.96 9.26 28.50
C1 NAG G . 26.99 14.79 31.28
C2 NAG G . 26.77 14.76 32.79
C3 NAG G . 27.35 16.01 33.45
C4 NAG G . 28.77 16.30 32.95
C5 NAG G . 28.79 16.33 31.43
C6 NAG G . 30.16 16.66 30.83
C7 NAG G . 24.32 15.33 32.67
C8 NAG G . 22.92 14.77 32.80
N2 NAG G . 25.34 14.51 33.01
O3 NAG G . 27.40 15.81 34.86
O4 NAG G . 29.22 17.57 33.44
O5 NAG G . 28.37 15.04 30.98
O6 NAG G . 31.03 15.54 30.98
O7 NAG G . 24.50 16.47 32.26
S SO4 H . -3.93 -24.27 -29.02
O1 SO4 H . -3.32 -25.51 -28.61
O2 SO4 H . -4.65 -23.69 -27.92
O3 SO4 H . -2.89 -23.37 -29.49
O4 SO4 H . -4.85 -24.51 -30.10
S SO4 I . -24.36 -29.98 -16.12
O1 SO4 I . -23.69 -30.55 -14.97
O2 SO4 I . -24.39 -28.55 -16.00
O3 SO4 I . -25.71 -30.48 -16.20
O4 SO4 I . -23.65 -30.34 -17.33
S SO4 J . 9.05 10.30 -27.53
O1 SO4 J . 9.35 10.18 -26.14
O2 SO4 J . 8.16 11.40 -27.71
O3 SO4 J . 8.44 9.08 -28.02
O4 SO4 J . 10.27 10.52 -28.25
S SO4 K . -19.77 -36.02 -3.86
O1 SO4 K . -20.56 -36.13 -2.66
O2 SO4 K . -18.58 -35.25 -3.58
O3 SO4 K . -20.53 -35.33 -4.88
O4 SO4 K . -19.41 -37.35 -4.31
C1 EDO L . -15.68 -15.76 -18.30
O1 EDO L . -14.47 -16.50 -18.26
C2 EDO L . -15.58 -14.50 -19.06
O2 EDO L . -16.83 -13.82 -19.18
C1 EDO M . 8.72 -29.91 -10.01
O1 EDO M . 8.33 -29.58 -8.69
C2 EDO M . 10.16 -30.21 -10.16
O2 EDO M . 10.54 -31.40 -9.50
C1 EDO N . 13.56 -10.63 -12.62
O1 EDO N . 12.75 -11.76 -12.39
C2 EDO N . 12.80 -9.48 -13.12
O2 EDO N . 12.04 -8.81 -12.14
C1 EDO O . -4.50 -43.46 -13.73
O1 EDO O . -5.55 -42.84 -12.99
C2 EDO O . -3.49 -42.51 -14.29
O2 EDO O . -2.63 -41.90 -13.34
C1 EDO P . -3.49 9.00 -11.88
O1 EDO P . -2.25 8.35 -11.70
C2 EDO P . -3.39 10.48 -12.04
O2 EDO P . -4.05 11.00 -13.18
C1 EDO Q . -3.76 15.25 -16.78
O1 EDO Q . -3.46 13.97 -16.25
C2 EDO Q . -2.83 16.34 -16.35
O2 EDO Q . -1.66 16.51 -17.17
C1 PEG R . -5.68 5.58 -0.94
O1 PEG R . -5.78 6.88 -1.47
C2 PEG R . -7.02 5.01 -0.63
O2 PEG R . -6.86 3.75 0.02
C3 PEG R . -8.08 3.19 0.48
C4 PEG R . -8.20 1.76 0.02
O4 PEG R . -7.45 0.87 0.84
C1 PEG S . -6.61 -14.07 -11.69
O1 PEG S . -6.31 -12.71 -11.97
C2 PEG S . -5.54 -15.06 -12.09
O2 PEG S . -5.51 -16.13 -11.17
C3 PEG S . -5.25 -17.39 -11.81
C4 PEG S . -5.52 -18.57 -10.94
O4 PEG S . -6.31 -19.57 -11.60
C1 PEG T . 3.73 -17.97 -31.56
O1 PEG T . 4.81 -18.01 -30.63
C2 PEG T . 2.59 -18.87 -31.15
O2 PEG T . 1.35 -18.20 -31.34
C3 PEG T . 0.29 -18.66 -30.50
C4 PEG T . -0.65 -17.52 -30.16
O4 PEG T . -2.02 -17.83 -30.35
C ACT U . 5.13 -12.23 -4.99
O ACT U . 4.27 -11.95 -4.16
OXT ACT U . 6.36 -12.03 -4.84
CH3 ACT U . 4.64 -12.83 -6.30
C3 HBE V . -0.71 -22.17 -5.84
C4 HBE V . -1.40 -21.11 -4.98
C5 HBE V . -2.43 -21.83 -4.13
C1 HBE V . -0.40 -23.32 -3.58
C2 HBE V . -0.22 -23.41 -5.07
C6 HBE V . -1.72 -22.72 -3.11
O7 HBE V . -3.30 -22.60 -4.99
O8 HBE V . -2.08 -20.16 -5.78
O9 HBE V . 0.35 -21.57 -6.54
C10 HBE V . -2.68 -23.81 -2.64
O11 HBE V . -2.10 -24.55 -1.57
O12 HBE V . 0.71 -22.52 -3.21
C1 NAG W . 33.02 23.93 4.49
C2 NAG W . 33.42 23.02 5.65
C3 NAG W . 34.78 23.44 6.22
C4 NAG W . 35.85 23.63 5.15
C5 NAG W . 35.34 24.55 4.05
C6 NAG W . 36.35 24.56 2.91
C7 NAG W . 31.58 22.10 7.08
C8 NAG W . 30.78 22.41 8.31
N2 NAG W . 32.43 23.09 6.72
O3 NAG W . 35.27 22.43 7.12
O4 NAG W . 37.03 24.15 5.77
O5 NAG W . 34.09 24.04 3.54
O6 NAG W . 35.86 25.35 1.83
O7 NAG W . 31.49 21.03 6.52
S SO4 X . 15.66 19.49 28.58
O1 SO4 X . 15.21 18.64 29.64
O2 SO4 X . 14.91 20.71 28.59
O3 SO4 X . 17.07 19.76 28.73
O4 SO4 X . 15.46 18.82 27.32
S SO4 Y . -1.27 -13.57 27.65
O1 SO4 Y . -1.25 -14.49 28.77
O2 SO4 Y . -1.07 -12.23 28.14
O3 SO4 Y . -2.56 -13.64 27.03
O4 SO4 Y . -0.23 -13.91 26.73
S SO4 Z . 12.42 38.99 3.21
O1 SO4 Z . 13.35 39.81 3.95
O2 SO4 Z . 11.21 38.84 3.98
O3 SO4 Z . 12.11 39.62 1.95
O4 SO4 Z . 12.99 37.69 2.97
C1 EDO AA . -11.50 7.56 10.90
O1 EDO AA . -11.36 8.76 11.59
C2 EDO AA . -11.58 6.37 11.78
O2 EDO AA . -12.85 6.16 12.37
C1 EDO BA . -0.25 19.04 -6.51
O1 EDO BA . -1.54 18.85 -7.04
C2 EDO BA . 0.14 17.87 -5.71
O2 EDO BA . 1.54 17.52 -5.68
C1 EDO CA . -5.28 20.81 19.78
O1 EDO CA . -6.60 20.80 20.27
C2 EDO CA . -4.29 20.16 20.68
O2 EDO CA . -4.48 18.77 20.87
C1 PEG DA . 3.79 1.63 -1.74
O1 PEG DA . 3.99 3.04 -2.03
C2 PEG DA . 3.24 1.31 -0.38
O2 PEG DA . 2.63 0.02 -0.37
C3 PEG DA . 1.26 -0.01 0.07
C4 PEG DA . 0.69 -1.39 -0.02
O4 PEG DA . 1.63 -2.53 0.16
C ACT EA . 6.01 38.56 15.18
O ACT EA . 6.34 37.89 16.18
OXT ACT EA . 6.81 38.91 14.31
CH3 ACT EA . 4.53 38.94 15.04
C ACT FA . 10.45 -6.76 22.25
O ACT FA . 9.21 -6.67 22.24
OXT ACT FA . 11.07 -7.73 22.68
CH3 ACT FA . 11.29 -5.60 21.68
C ACT GA . -13.11 -13.46 29.56
O ACT GA . -12.11 -13.88 30.18
OXT ACT GA . -13.67 -14.10 28.64
CH3 ACT GA . -13.69 -12.08 29.92
C ACT HA . 12.77 4.44 4.89
O ACT HA . 13.38 4.49 5.98
OXT ACT HA . 12.01 5.35 4.48
CH3 ACT HA . 12.98 3.20 4.02
C ACT IA . -9.09 -17.14 23.98
O ACT IA . -9.52 -17.02 25.15
OXT ACT IA . -7.87 -17.23 23.69
CH3 ACT IA . -10.13 -17.14 22.83
C3 HBE JA . 15.87 15.62 5.63
C4 HBE JA . 14.61 15.47 4.79
C5 HBE JA . 14.42 16.67 3.89
C1 HBE JA . 16.90 16.12 3.33
C2 HBE JA . 17.09 16.11 4.84
C6 HBE JA . 15.55 16.72 2.85
O7 HBE JA . 14.35 17.81 4.72
O8 HBE JA . 13.48 15.34 5.66
O9 HBE JA . 16.15 14.34 6.19
C10 HBE JA . 15.66 18.17 2.36
O11 HBE JA . 16.50 18.31 1.19
O12 HBE JA . 17.17 14.75 2.97
#